data_9MKD
#
_entry.id   9MKD
#
_cell.length_a   72.910
_cell.length_b   76.970
_cell.length_c   92.270
_cell.angle_alpha   90.00
_cell.angle_beta   93.42
_cell.angle_gamma   90.00
#
_symmetry.space_group_name_H-M   'P 1 21 1'
#
loop_
_entity.id
_entity.type
_entity.pdbx_description
1 polymer 'Mucosa-associated lymphoid tissue lymphoma translocation protein 1'
2 non-polymer 'CALCIUM ION'
3 non-polymer 'TRIETHYLENE GLYCOL'
4 non-polymer (9R)-2-chloro-N-[5-chloro-6-(2H-1,2,3-triazol-2-yl)pyridin-3-yl]-8,8-dimethyl-7,8-dihydro-6H-pyrazolo[1,5-a]pyrrolo[2,3-e]pyrimidine-6-carboxamide
5 water water
#
_entity_poly.entity_id   1
_entity_poly.type   'polypeptide(L)'
_entity_poly.pdbx_seq_one_letter_code
;TTDQPLAKDKVALLIGNMNYREHPKLKAPLVDVYELTNLLRQLDFKVVSLLDLTEYEMRNAVDEFLLLLDKGVYGLLYYA
GHGYENFGNSFMVPVDAPNPYRSENCLCVQNILKLMQEKETGLNVFLLDMCRKRNDYDDTIPILDALKVTANIVFGYATC
QGAEAFEIQHSGLANGIFMKFLKDRLLEDKKITVLLDEVAEDMGKCHLTKGKQALEIRSSLSEKRALTDPIQGTEYSAES
LVRNLQWAKAHELPESMCLKFDCGVQIQLGFAAEFSNVMIIYTSIVYKPPEIIMCDAYVTDFPLDLDIDPKDANKGTPEE
TGSYLVSKDLPKHCLYTRLSSLQKLKEHLVFTVCLSYQYSGLEDTVEDKQEVNVGKPLIAKLDMHR
;
_entity_poly.pdbx_strand_id   A,B
#
loop_
_chem_comp.id
_chem_comp.type
_chem_comp.name
_chem_comp.formula
A1BMX non-polymer (9R)-2-chloro-N-[5-chloro-6-(2H-1,2,3-triazol-2-yl)pyridin-3-yl]-8,8-dimethyl-7,8-dihydro-6H-pyrazolo[1,5-a]pyrrolo[2,3-e]pyrimidine-6-carboxamide 'C18 H15 Cl2 N9 O'
CA non-polymer 'CALCIUM ION' 'Ca 2'
PGE non-polymer 'TRIETHYLENE GLYCOL' 'C6 H14 O4'
#
# COMPACT_ATOMS: atom_id res chain seq x y z
N GLN A 4 -14.41 -1.91 23.03
CA GLN A 4 -14.67 -2.35 21.64
C GLN A 4 -14.93 -1.14 20.76
N PRO A 5 -14.24 -0.99 19.62
CA PRO A 5 -14.66 -0.03 18.61
C PRO A 5 -15.94 -0.50 17.93
N LEU A 6 -16.96 0.33 17.96
CA LEU A 6 -18.21 0.06 17.28
C LEU A 6 -18.54 1.22 16.36
N ALA A 7 -19.29 0.91 15.32
CA ALA A 7 -19.87 1.91 14.45
C ALA A 7 -21.31 2.16 14.87
N LYS A 8 -21.76 3.41 14.89
CA LYS A 8 -23.20 3.64 15.00
C LYS A 8 -23.90 3.31 13.69
N ASP A 9 -23.24 3.66 12.60
CA ASP A 9 -23.65 3.30 11.25
C ASP A 9 -22.42 3.23 10.38
N LYS A 10 -22.59 2.71 9.17
CA LYS A 10 -21.57 2.62 8.16
C LYS A 10 -22.15 3.21 6.88
N VAL A 11 -21.64 4.35 6.43
CA VAL A 11 -22.20 5.04 5.25
C VAL A 11 -21.08 5.38 4.29
N ALA A 12 -21.34 5.25 2.98
CA ALA A 12 -20.35 5.55 1.97
C ALA A 12 -20.93 6.26 0.77
N LEU A 13 -20.13 7.17 0.21
CA LEU A 13 -20.44 7.88 -1.02
C LEU A 13 -19.25 7.71 -1.93
N LEU A 14 -19.49 7.16 -3.11
CA LEU A 14 -18.43 6.99 -4.11
C LEU A 14 -18.82 7.81 -5.33
N ILE A 15 -17.90 8.62 -5.84
CA ILE A 15 -18.14 9.40 -7.05
C ILE A 15 -17.09 9.04 -8.11
N GLY A 16 -17.53 8.76 -9.33
CA GLY A 16 -16.61 8.58 -10.43
C GLY A 16 -16.93 9.49 -11.60
N ASN A 17 -16.02 10.41 -11.92
CA ASN A 17 -16.25 11.33 -13.05
C ASN A 17 -15.40 10.95 -14.24
N MET A 18 -16.05 10.93 -15.39
CA MET A 18 -15.50 10.39 -16.62
C MET A 18 -15.82 11.23 -17.82
N ASN A 19 -17.09 11.62 -17.92
CA ASN A 19 -17.64 12.18 -19.15
C ASN A 19 -17.54 13.69 -19.10
N TYR A 20 -16.31 14.16 -19.11
CA TYR A 20 -16.02 15.58 -19.05
C TYR A 20 -16.35 16.25 -20.37
N ARG A 21 -16.92 17.44 -20.26
CA ARG A 21 -17.30 18.21 -21.43
C ARG A 21 -16.11 18.97 -21.99
N GLU A 22 -15.28 19.51 -21.11
CA GLU A 22 -14.21 20.44 -21.50
C GLU A 22 -12.82 19.91 -21.19
N HIS A 23 -12.77 18.66 -20.72
CA HIS A 23 -11.52 18.05 -20.26
C HIS A 23 -11.42 16.66 -20.85
N PRO A 24 -10.22 16.05 -20.92
CA PRO A 24 -10.04 14.66 -21.38
C PRO A 24 -10.95 13.70 -20.65
N LYS A 25 -11.71 12.91 -21.39
CA LYS A 25 -12.54 11.89 -20.77
C LYS A 25 -11.70 10.77 -20.14
N LEU A 26 -12.18 10.27 -19.01
CA LEU A 26 -11.56 9.15 -18.30
C LEU A 26 -12.43 7.91 -18.44
N LYS A 27 -11.86 6.74 -18.17
CA LYS A 27 -12.61 5.48 -18.22
C LYS A 27 -12.54 4.73 -16.91
N ALA A 28 -11.35 4.77 -16.29
CA ALA A 28 -11.09 4.06 -15.05
C ALA A 28 -12.11 4.07 -13.91
N PRO A 29 -12.65 5.24 -13.50
CA PRO A 29 -13.60 5.37 -12.39
C PRO A 29 -14.73 4.37 -12.30
N LEU A 30 -15.35 4.04 -13.43
CA LEU A 30 -16.49 3.13 -13.49
C LEU A 30 -16.28 1.82 -12.74
N VAL A 31 -15.21 1.15 -13.16
CA VAL A 31 -14.81 -0.14 -12.60
C VAL A 31 -14.51 -0.03 -11.11
N ASP A 32 -13.72 0.99 -10.80
CA ASP A 32 -13.18 1.16 -9.47
C ASP A 32 -14.28 1.49 -8.45
N VAL A 33 -15.25 2.31 -8.85
CA VAL A 33 -16.43 2.56 -8.04
C VAL A 33 -17.26 1.30 -7.82
N TYR A 34 -17.47 0.53 -8.88
CA TYR A 34 -18.28 -0.68 -8.78
C TYR A 34 -17.69 -1.68 -7.79
N GLU A 35 -16.41 -1.98 -8.00
CA GLU A 35 -15.69 -2.94 -7.16
C GLU A 35 -15.58 -2.49 -5.70
N LEU A 36 -15.40 -1.18 -5.50
CA LEU A 36 -15.35 -0.64 -4.15
C LEU A 36 -16.71 -0.67 -3.46
N THR A 37 -17.77 -0.39 -4.21
CA THR A 37 -19.15 -0.53 -3.73
C THR A 37 -19.41 -1.95 -3.23
N ASN A 38 -19.06 -2.90 -4.09
CA ASN A 38 -19.20 -4.32 -3.82
C ASN A 38 -18.44 -4.78 -2.59
N LEU A 39 -17.21 -4.29 -2.42
CA LEU A 39 -16.49 -4.47 -1.15
C LEU A 39 -17.26 -3.92 0.05
N LEU A 40 -17.67 -2.65 -0.05
CA LEU A 40 -18.25 -1.95 1.09
C LEU A 40 -19.59 -2.51 1.55
N ARG A 41 -20.42 -2.93 0.61
CA ARG A 41 -21.63 -3.73 0.90
C ARG A 41 -21.38 -4.92 1.81
N GLN A 42 -20.29 -5.63 1.53
CA GLN A 42 -19.93 -6.81 2.32
C GLN A 42 -19.37 -6.47 3.69
N LEU A 43 -19.06 -5.20 3.92
CA LEU A 43 -18.62 -4.74 5.24
C LEU A 43 -19.76 -4.06 5.98
N ASP A 44 -20.98 -4.14 5.45
CA ASP A 44 -22.14 -3.58 6.13
C ASP A 44 -22.32 -2.09 5.92
N PHE A 45 -21.67 -1.53 4.89
CA PHE A 45 -21.91 -0.15 4.52
C PHE A 45 -23.15 -0.03 3.63
N LYS A 46 -23.93 1.01 3.90
CA LYS A 46 -24.89 1.52 2.91
C LYS A 46 -24.13 2.45 1.99
N VAL A 47 -24.18 2.17 0.69
CA VAL A 47 -23.35 2.88 -0.28
C VAL A 47 -24.25 3.67 -1.22
N VAL A 48 -23.80 4.88 -1.56
CA VAL A 48 -24.25 5.56 -2.75
C VAL A 48 -23.10 5.59 -3.74
N SER A 49 -23.41 5.30 -5.00
CA SER A 49 -22.39 5.26 -6.05
C SER A 49 -22.92 6.08 -7.22
N LEU A 50 -22.25 7.18 -7.54
CA LEU A 50 -22.72 8.12 -8.55
C LEU A 50 -21.66 8.31 -9.61
N LEU A 51 -22.04 8.15 -10.87
CA LEU A 51 -21.13 8.45 -11.97
C LEU A 51 -21.48 9.79 -12.58
N ASP A 52 -20.45 10.55 -12.99
CA ASP A 52 -20.61 11.67 -13.91
C ASP A 52 -21.45 12.80 -13.35
N LEU A 53 -20.97 13.41 -12.28
CA LEU A 53 -21.76 14.45 -11.62
C LEU A 53 -21.26 15.82 -12.00
N THR A 54 -22.21 16.74 -12.12
CA THR A 54 -21.93 18.17 -12.20
C THR A 54 -21.55 18.72 -10.84
N GLU A 55 -21.16 19.98 -10.83
CA GLU A 55 -20.87 20.68 -9.57
C GLU A 55 -22.05 20.67 -8.61
N TYR A 56 -23.21 21.07 -9.14
CA TYR A 56 -24.43 21.08 -8.36
C TYR A 56 -24.79 19.70 -7.80
N GLU A 57 -24.70 18.68 -8.68
CA GLU A 57 -24.93 17.29 -8.26
C GLU A 57 -23.95 16.82 -7.19
N MET A 58 -22.66 17.14 -7.38
CA MET A 58 -21.64 16.76 -6.41
C MET A 58 -21.86 17.38 -5.06
N ARG A 59 -22.19 18.68 -5.05
CA ARG A 59 -22.46 19.37 -3.80
C ARG A 59 -23.64 18.81 -3.03
N ASN A 60 -24.75 18.58 -3.74
CA ASN A 60 -25.90 17.95 -3.08
C ASN A 60 -25.61 16.58 -2.54
N ALA A 61 -24.84 15.81 -3.31
CA ALA A 61 -24.47 14.46 -2.90
C ALA A 61 -23.57 14.46 -1.67
N VAL A 62 -22.51 15.27 -1.70
CA VAL A 62 -21.59 15.37 -0.58
C VAL A 62 -22.25 15.92 0.68
N ASP A 63 -23.06 16.97 0.55
CA ASP A 63 -23.75 17.52 1.73
C ASP A 63 -24.65 16.52 2.42
N GLU A 64 -25.36 15.72 1.63
CA GLU A 64 -26.24 14.72 2.20
C GLU A 64 -25.51 13.56 2.81
N PHE A 65 -24.36 13.20 2.24
CA PHE A 65 -23.42 12.34 2.94
C PHE A 65 -22.97 12.90 4.27
N LEU A 66 -22.55 14.17 4.27
CA LEU A 66 -22.07 14.83 5.50
C LEU A 66 -23.11 14.91 6.59
N LEU A 67 -24.37 15.12 6.20
CA LEU A 67 -25.50 15.05 7.12
C LEU A 67 -25.70 13.71 7.81
N LEU A 68 -25.14 12.63 7.27
CA LEU A 68 -25.29 11.32 7.89
C LEU A 68 -24.23 11.07 8.95
N LEU A 69 -23.22 11.93 9.04
CA LEU A 69 -22.08 11.66 9.91
C LEU A 69 -22.35 12.16 11.31
N ASP A 70 -23.18 11.43 12.04
CA ASP A 70 -23.37 11.69 13.46
C ASP A 70 -22.27 11.04 14.29
N LYS A 71 -22.37 11.27 15.60
CA LYS A 71 -21.46 10.71 16.60
C LYS A 71 -21.36 9.20 16.52
N GLY A 72 -20.17 8.70 16.24
CA GLY A 72 -19.99 7.25 16.17
C GLY A 72 -20.14 6.65 14.78
N VAL A 73 -20.62 7.43 13.81
CA VAL A 73 -20.79 6.92 12.44
C VAL A 73 -19.42 6.67 11.80
N TYR A 74 -19.35 5.62 10.99
CA TYR A 74 -18.19 5.38 10.15
C TYR A 74 -18.58 5.88 8.77
N GLY A 75 -17.83 6.84 8.26
CA GLY A 75 -18.15 7.43 6.96
C GLY A 75 -17.00 7.27 5.98
N LEU A 76 -17.29 6.84 4.76
CA LEU A 76 -16.28 6.73 3.72
C LEU A 76 -16.69 7.56 2.54
N LEU A 77 -15.78 8.40 2.08
CA LEU A 77 -15.99 9.15 0.84
C LEU A 77 -14.88 8.75 -0.11
N TYR A 78 -15.27 8.50 -1.35
CA TYR A 78 -14.33 8.18 -2.40
C TYR A 78 -14.62 9.04 -3.59
N TYR A 79 -13.56 9.55 -4.19
CA TYR A 79 -13.67 10.25 -5.47
C TYR A 79 -12.65 9.71 -6.45
N ALA A 80 -13.09 9.52 -7.68
CA ALA A 80 -12.20 9.26 -8.79
C ALA A 80 -12.52 10.16 -9.97
N GLY A 81 -11.49 10.74 -10.57
CA GLY A 81 -11.69 11.63 -11.72
C GLY A 81 -10.62 12.68 -11.80
N HIS A 82 -10.89 13.78 -12.51
CA HIS A 82 -9.92 14.88 -12.55
C HIS A 82 -9.89 15.61 -11.24
N GLY A 83 -8.70 16.00 -10.85
CA GLY A 83 -8.53 16.91 -9.76
C GLY A 83 -7.41 17.90 -10.04
N TYR A 84 -7.27 18.89 -9.18
CA TYR A 84 -6.18 19.84 -9.26
C TYR A 84 -5.71 20.21 -7.88
N GLU A 85 -4.55 20.87 -7.83
CA GLU A 85 -3.97 21.31 -6.57
C GLU A 85 -3.49 22.75 -6.68
N ASN A 86 -3.72 23.55 -5.64
CA ASN A 86 -3.22 24.93 -5.58
C ASN A 86 -2.98 25.28 -4.13
N PHE A 87 -1.73 25.59 -3.78
CA PHE A 87 -1.38 26.07 -2.44
C PHE A 87 -1.85 25.16 -1.31
N GLY A 88 -1.71 23.85 -1.53
CA GLY A 88 -2.16 22.90 -0.53
C GLY A 88 -3.60 22.46 -0.69
N ASN A 89 -4.40 23.27 -1.37
CA ASN A 89 -5.81 23.03 -1.52
C ASN A 89 -5.97 22.17 -2.74
N SER A 90 -6.63 21.04 -2.57
CA SER A 90 -6.94 20.15 -3.68
C SER A 90 -8.42 20.22 -4.02
N PHE A 91 -8.71 19.95 -5.28
CA PHE A 91 -10.06 20.16 -5.81
C PHE A 91 -10.46 18.96 -6.63
N MET A 92 -11.73 18.59 -6.48
CA MET A 92 -12.37 17.57 -7.29
C MET A 92 -13.13 18.29 -8.40
N VAL A 93 -12.91 17.88 -9.65
CA VAL A 93 -13.48 18.59 -10.78
C VAL A 93 -14.75 17.87 -11.26
N PRO A 94 -15.90 18.55 -11.31
CA PRO A 94 -17.10 17.98 -11.92
C PRO A 94 -17.06 17.96 -13.43
N VAL A 95 -17.92 17.14 -14.03
CA VAL A 95 -17.92 16.96 -15.48
C VAL A 95 -18.32 18.19 -16.29
N ASP A 96 -19.01 19.12 -15.65
CA ASP A 96 -19.44 20.36 -16.28
C ASP A 96 -18.43 21.49 -16.08
N ALA A 97 -17.30 21.24 -15.43
CA ALA A 97 -16.35 22.34 -15.20
C ALA A 97 -15.76 22.86 -16.51
N PRO A 98 -15.66 24.18 -16.70
CA PRO A 98 -14.93 24.76 -17.81
C PRO A 98 -13.43 24.51 -17.75
N ASN A 99 -12.80 24.88 -18.85
CA ASN A 99 -11.35 24.83 -18.98
C ASN A 99 -10.91 26.29 -19.09
N PRO A 100 -9.97 26.81 -18.26
CA PRO A 100 -9.23 26.12 -17.20
C PRO A 100 -10.05 25.91 -15.94
N TYR A 101 -9.45 25.18 -15.00
CA TYR A 101 -10.09 24.96 -13.70
C TYR A 101 -10.13 26.27 -12.90
N ARG A 102 -11.29 26.56 -12.34
CA ARG A 102 -11.46 27.61 -11.35
C ARG A 102 -12.02 26.95 -10.10
N SER A 103 -11.56 27.42 -8.94
CA SER A 103 -12.01 26.93 -7.64
C SER A 103 -13.51 26.92 -7.42
N GLU A 104 -14.18 27.98 -7.86
CA GLU A 104 -15.63 28.08 -7.71
C GLU A 104 -16.41 27.05 -8.53
N ASN A 105 -15.80 26.45 -9.56
CA ASN A 105 -16.45 25.35 -10.28
C ASN A 105 -16.18 24.00 -9.65
N CYS A 106 -15.37 23.93 -8.61
CA CYS A 106 -14.85 22.66 -8.10
C CYS A 106 -15.18 22.50 -6.64
N LEU A 107 -15.12 21.25 -6.16
CA LEU A 107 -15.30 21.00 -4.73
C LEU A 107 -13.94 20.87 -4.10
N CYS A 108 -13.71 21.57 -3.00
CA CYS A 108 -12.43 21.51 -2.33
C CYS A 108 -12.35 20.36 -1.33
N VAL A 109 -11.29 19.58 -1.46
CA VAL A 109 -10.94 18.48 -0.56
C VAL A 109 -10.85 18.92 0.90
N GLN A 110 -10.09 19.98 1.14
CA GLN A 110 -9.81 20.39 2.50
C GLN A 110 -11.04 20.88 3.26
N ASN A 111 -12.01 21.40 2.53
CA ASN A 111 -13.27 21.78 3.15
C ASN A 111 -14.06 20.58 3.61
N ILE A 112 -14.18 19.59 2.73
CA ILE A 112 -14.82 18.33 3.06
C ILE A 112 -14.12 17.64 4.24
N LEU A 113 -12.80 17.63 4.20
CA LEU A 113 -12.00 17.10 5.29
C LEU A 113 -12.24 17.83 6.61
N LYS A 114 -12.28 19.16 6.58
CA LYS A 114 -12.61 19.92 7.78
C LYS A 114 -14.02 19.66 8.31
N LEU A 115 -14.98 19.54 7.41
CA LEU A 115 -16.34 19.16 7.78
C LEU A 115 -16.41 17.77 8.41
N MET A 116 -15.71 16.81 7.84
CA MET A 116 -15.64 15.46 8.41
C MET A 116 -15.04 15.42 9.81
N GLN A 117 -14.02 16.24 10.04
CA GLN A 117 -13.39 16.29 11.36
C GLN A 117 -14.20 16.97 12.45
N GLU A 118 -15.23 17.73 12.09
CA GLU A 118 -16.09 18.34 13.10
C GLU A 118 -17.19 17.41 13.60
N LYS A 119 -17.40 16.28 12.92
CA LYS A 119 -18.70 15.61 13.02
C LYS A 119 -18.83 14.62 14.17
N GLU A 120 -17.72 14.23 14.80
CA GLU A 120 -17.75 13.37 16.00
C GLU A 120 -17.89 11.88 15.72
N THR A 121 -17.73 11.52 14.45
CA THR A 121 -17.64 10.16 13.93
C THR A 121 -16.74 9.19 14.71
N GLY A 122 -16.91 7.91 14.40
CA GLY A 122 -16.01 6.92 14.96
C GLY A 122 -14.85 6.64 14.02
N LEU A 123 -15.09 6.84 12.72
CA LEU A 123 -14.05 6.74 11.71
C LEU A 123 -14.48 7.61 10.53
N ASN A 124 -13.56 8.43 10.04
CA ASN A 124 -13.69 9.10 8.75
C ASN A 124 -12.68 8.49 7.81
N VAL A 125 -13.11 8.19 6.60
CA VAL A 125 -12.23 7.72 5.55
C VAL A 125 -12.47 8.62 4.34
N PHE A 126 -11.42 9.20 3.77
CA PHE A 126 -11.58 10.04 2.60
C PHE A 126 -10.51 9.64 1.62
N LEU A 127 -10.90 9.14 0.45
CA LEU A 127 -10.00 8.50 -0.49
C LEU A 127 -10.13 9.22 -1.83
N LEU A 128 -9.06 9.82 -2.32
CA LEU A 128 -9.08 10.54 -3.59
C LEU A 128 -8.12 9.89 -4.55
N ASP A 129 -8.65 9.55 -5.72
CA ASP A 129 -7.87 8.96 -6.77
C ASP A 129 -7.95 9.91 -7.93
N MET A 130 -6.93 10.75 -8.09
CA MET A 130 -7.10 11.90 -8.95
C MET A 130 -6.20 11.79 -10.16
N CYS A 131 -6.74 12.19 -11.30
CA CYS A 131 -5.91 12.50 -12.45
C CYS A 131 -5.51 13.96 -12.33
N ARG A 132 -4.21 14.20 -12.22
CA ARG A 132 -3.71 15.56 -12.32
C ARG A 132 -3.41 15.86 -13.79
N LYS A 133 -3.44 17.14 -14.14
CA LYS A 133 -2.78 17.65 -15.35
C LYS A 133 -1.28 17.37 -15.28
N ARG A 134 -0.66 17.12 -16.43
CA ARG A 134 0.76 16.73 -16.50
C ARG A 134 1.71 17.50 -15.60
N ASN A 135 1.61 18.82 -15.66
CA ASN A 135 2.55 19.68 -14.95
C ASN A 135 1.99 20.26 -13.66
N ASP A 136 0.96 19.62 -13.11
CA ASP A 136 0.44 20.04 -11.83
C ASP A 136 1.06 19.19 -10.73
N TYR A 137 2.26 19.55 -10.30
CA TYR A 137 2.90 18.93 -9.13
C TYR A 137 2.43 19.65 -7.86
N ASP A 138 2.77 19.10 -6.70
CA ASP A 138 2.44 19.76 -5.42
C ASP A 138 3.13 21.11 -5.30
N ASP A 139 2.48 22.04 -4.60
CA ASP A 139 3.07 23.37 -4.43
C ASP A 139 3.88 23.44 -3.17
N THR A 140 4.81 24.39 -3.13
CA THR A 140 5.54 24.67 -1.93
C THR A 140 4.69 25.58 -1.05
N ILE A 141 4.48 25.14 0.20
CA ILE A 141 3.52 25.74 1.11
C ILE A 141 4.06 25.71 2.53
N PRO A 142 3.66 26.61 3.43
CA PRO A 142 3.64 26.33 4.85
C PRO A 142 2.34 25.59 5.18
N ILE A 143 2.33 24.79 6.23
CA ILE A 143 1.04 24.36 6.78
C ILE A 143 0.55 25.46 7.71
N LEU A 144 -0.72 25.83 7.57
CA LEU A 144 -1.30 26.95 8.31
C LEU A 144 -2.52 26.54 9.14
N ASP A 145 -3.16 25.42 8.81
CA ASP A 145 -4.41 25.01 9.46
C ASP A 145 -4.51 23.49 9.37
N ALA A 146 -4.98 22.82 10.44
CA ALA A 146 -5.18 21.37 10.42
C ALA A 146 -6.19 20.94 11.47
N LEU A 147 -6.90 19.85 11.19
CA LEU A 147 -7.74 19.14 12.17
C LEU A 147 -7.37 17.67 12.29
N LYS A 148 -6.23 17.27 11.72
CA LYS A 148 -5.91 15.85 11.56
C LYS A 148 -5.27 15.28 12.83
N VAL A 149 -5.99 15.47 13.93
CA VAL A 149 -5.62 14.98 15.26
C VAL A 149 -6.87 14.69 16.06
N THR A 150 -7.84 15.60 15.99
CA THR A 150 -8.95 15.64 16.96
C THR A 150 -10.05 14.60 16.72
N ALA A 151 -10.06 13.98 15.56
CA ALA A 151 -11.05 12.97 15.21
C ALA A 151 -10.37 11.88 14.39
N ASN A 152 -10.99 10.71 14.37
CA ASN A 152 -10.42 9.54 13.70
C ASN A 152 -10.47 9.65 12.20
N ILE A 153 -9.31 9.70 11.56
CA ILE A 153 -9.24 9.99 10.12
C ILE A 153 -8.26 9.05 9.45
N VAL A 154 -8.68 8.54 8.30
CA VAL A 154 -7.76 7.97 7.32
C VAL A 154 -7.99 8.78 6.05
N PHE A 155 -6.92 9.38 5.55
CA PHE A 155 -7.00 10.20 4.35
C PHE A 155 -6.05 9.59 3.33
N GLY A 156 -6.56 9.33 2.14
CA GLY A 156 -5.79 8.70 1.09
C GLY A 156 -5.84 9.52 -0.18
N TYR A 157 -4.67 9.76 -0.79
CA TYR A 157 -4.58 10.64 -1.95
C TYR A 157 -3.62 10.07 -2.97
N ALA A 158 -4.18 9.48 -4.03
CA ALA A 158 -3.39 9.00 -5.15
C ALA A 158 -3.45 10.02 -6.28
N THR A 159 -2.33 10.14 -7.00
CA THR A 159 -2.22 11.00 -8.16
C THR A 159 -1.49 10.28 -9.30
N CYS A 160 -1.92 10.57 -10.53
CA CYS A 160 -1.11 10.30 -11.72
C CYS A 160 -1.08 11.58 -12.52
N GLN A 161 0.05 11.85 -13.17
CA GLN A 161 0.20 13.06 -13.98
C GLN A 161 -0.23 12.75 -15.41
N GLY A 162 -1.45 13.15 -15.73
CA GLY A 162 -1.96 13.03 -17.08
C GLY A 162 -2.88 11.85 -17.26
N ALA A 163 -3.82 12.02 -18.19
CA ALA A 163 -4.84 11.00 -18.44
C ALA A 163 -4.26 9.68 -18.93
N GLU A 164 -3.20 9.77 -19.74
CA GLU A 164 -2.53 8.58 -20.24
C GLU A 164 -1.98 7.69 -19.14
N ALA A 165 -1.16 8.28 -18.26
CA ALA A 165 -0.62 7.54 -17.14
C ALA A 165 -1.68 7.07 -16.15
N PHE A 166 -2.69 7.92 -15.94
CA PHE A 166 -3.84 7.53 -15.13
C PHE A 166 -4.53 6.29 -15.66
N GLU A 167 -4.92 6.32 -16.93
CA GLU A 167 -5.57 5.16 -17.51
C GLU A 167 -4.68 3.93 -17.59
N ILE A 168 -3.39 4.10 -17.87
CA ILE A 168 -2.44 2.99 -17.82
C ILE A 168 -2.39 2.33 -16.45
N GLN A 169 -2.17 3.12 -15.40
CA GLN A 169 -2.08 2.54 -14.06
C GLN A 169 -3.38 1.93 -13.55
N HIS A 170 -4.49 2.44 -14.05
CA HIS A 170 -5.77 1.89 -13.65
C HIS A 170 -6.22 0.71 -14.52
N SER A 171 -5.47 0.35 -15.57
CA SER A 171 -5.83 -0.80 -16.42
C SER A 171 -5.88 -2.12 -15.64
N GLY A 172 -6.82 -2.98 -16.00
CA GLY A 172 -7.06 -4.20 -15.24
C GLY A 172 -8.33 -4.12 -14.41
N LEU A 173 -8.76 -5.29 -13.95
CA LEU A 173 -9.91 -5.40 -13.05
C LEU A 173 -9.39 -5.82 -11.68
N ALA A 174 -10.14 -5.48 -10.63
CA ALA A 174 -9.89 -6.00 -9.28
C ALA A 174 -8.67 -5.40 -8.56
N ASN A 175 -8.16 -4.30 -9.10
CA ASN A 175 -6.78 -3.91 -8.87
C ASN A 175 -6.57 -2.48 -8.40
N GLY A 176 -7.62 -1.87 -7.87
CA GLY A 176 -7.55 -0.45 -7.56
C GLY A 176 -6.84 -0.19 -6.25
N ILE A 177 -6.06 0.89 -6.24
CA ILE A 177 -5.13 1.19 -5.14
C ILE A 177 -5.78 1.22 -3.78
N PHE A 178 -6.94 1.88 -3.71
CA PHE A 178 -7.62 2.01 -2.44
C PHE A 178 -8.33 0.74 -2.03
N MET A 179 -8.84 -0.03 -2.98
CA MET A 179 -9.40 -1.34 -2.64
C MET A 179 -8.36 -2.28 -2.06
N LYS A 180 -7.16 -2.23 -2.63
CA LYS A 180 -6.01 -2.94 -2.06
C LYS A 180 -5.65 -2.44 -0.67
N PHE A 181 -5.57 -1.12 -0.51
CA PHE A 181 -5.33 -0.50 0.80
C PHE A 181 -6.36 -0.90 1.84
N LEU A 182 -7.63 -0.82 1.48
CA LEU A 182 -8.69 -1.21 2.40
C LEU A 182 -8.58 -2.66 2.82
N LYS A 183 -8.46 -3.55 1.84
CA LYS A 183 -8.25 -4.97 2.12
C LYS A 183 -7.04 -5.29 2.98
N ASP A 184 -5.92 -4.62 2.71
CA ASP A 184 -4.69 -4.86 3.48
C ASP A 184 -4.72 -4.24 4.87
N ARG A 185 -5.24 -3.01 4.98
CA ARG A 185 -4.95 -2.20 6.16
C ARG A 185 -6.14 -2.05 7.08
N LEU A 186 -7.36 -2.17 6.55
CA LEU A 186 -8.54 -1.74 7.29
C LEU A 186 -9.57 -2.83 7.50
N LEU A 187 -9.24 -4.06 7.12
CA LEU A 187 -10.04 -5.21 7.47
C LEU A 187 -9.31 -5.93 8.60
N GLU A 188 -10.09 -6.36 9.59
CA GLU A 188 -9.63 -7.17 10.73
C GLU A 188 -9.06 -6.32 11.84
N CYS A 206 -0.80 -5.32 -9.26
CA CYS A 206 -0.82 -4.12 -10.11
C CYS A 206 0.57 -3.51 -10.16
N HIS A 207 1.29 -3.74 -11.25
CA HIS A 207 2.67 -3.25 -11.33
C HIS A 207 2.75 -1.74 -11.43
N LEU A 208 3.91 -1.21 -11.11
CA LEU A 208 4.16 0.22 -11.20
C LEU A 208 4.46 0.55 -12.65
N THR A 209 3.57 1.31 -13.26
CA THR A 209 3.68 1.64 -14.69
C THR A 209 4.50 2.93 -14.88
N LYS A 210 4.84 3.21 -16.14
CA LYS A 210 5.59 4.42 -16.47
C LYS A 210 4.82 5.71 -16.18
N GLY A 211 5.59 6.77 -16.00
CA GLY A 211 5.03 8.09 -15.74
C GLY A 211 5.38 8.56 -14.35
N LYS A 212 4.72 9.64 -13.95
CA LYS A 212 4.84 10.17 -12.60
C LYS A 212 3.59 9.81 -11.81
N GLN A 213 3.80 9.25 -10.61
CA GLN A 213 2.72 8.91 -9.69
C GLN A 213 3.08 9.31 -8.28
N ALA A 214 2.04 9.47 -7.48
CA ALA A 214 2.19 9.63 -6.04
C ALA A 214 1.04 8.97 -5.31
N LEU A 215 1.33 8.54 -4.10
CA LEU A 215 0.33 8.11 -3.12
C LEU A 215 0.69 8.76 -1.81
N GLU A 216 -0.31 9.30 -1.14
CA GLU A 216 -0.18 9.71 0.25
C GLU A 216 -1.29 9.08 1.08
N ILE A 217 -0.92 8.42 2.18
CA ILE A 217 -1.89 7.98 3.18
C ILE A 217 -1.52 8.73 4.44
N ARG A 218 -2.50 9.36 5.10
CA ARG A 218 -2.29 9.93 6.43
C ARG A 218 -3.39 9.43 7.34
N SER A 219 -3.04 9.09 8.57
CA SER A 219 -4.03 8.64 9.55
C SER A 219 -3.76 9.20 10.93
N SER A 220 -4.85 9.42 11.65
CA SER A 220 -4.81 9.80 13.04
C SER A 220 -5.92 9.02 13.68
N LEU A 221 -5.56 8.07 14.52
CA LEU A 221 -6.52 7.20 15.17
C LEU A 221 -6.21 7.18 16.66
N SER A 222 -7.19 7.46 17.50
CA SER A 222 -6.99 7.32 18.94
C SER A 222 -6.96 5.87 19.43
N GLU A 223 -7.63 5.00 18.69
CA GLU A 223 -7.69 3.57 18.93
C GLU A 223 -7.82 2.90 17.59
N LYS A 224 -7.52 1.60 17.53
CA LYS A 224 -7.68 0.83 16.30
C LYS A 224 -9.12 0.87 15.81
N ARG A 225 -9.28 1.32 14.58
CA ARG A 225 -10.54 1.28 13.88
C ARG A 225 -10.30 0.47 12.62
N ALA A 226 -11.31 -0.26 12.21
CA ALA A 226 -11.28 -1.03 10.98
C ALA A 226 -12.66 -0.94 10.37
N LEU A 227 -12.75 -1.15 9.06
CA LEU A 227 -14.06 -1.22 8.40
C LEU A 227 -14.91 -2.41 8.87
N THR A 228 -14.25 -3.44 9.36
CA THR A 228 -14.91 -4.64 9.86
C THR A 228 -15.45 -4.51 11.28
N ASP A 229 -15.28 -3.36 11.95
CA ASP A 229 -15.86 -3.18 13.30
C ASP A 229 -17.37 -3.38 13.29
N PRO A 230 -17.98 -4.04 14.29
CA PRO A 230 -19.42 -4.20 14.31
C PRO A 230 -20.18 -2.89 14.35
N ILE A 231 -21.31 -2.86 13.64
CA ILE A 231 -22.32 -1.86 13.93
C ILE A 231 -22.93 -2.19 15.27
N GLN A 232 -23.16 -1.15 16.07
CA GLN A 232 -24.02 -1.26 17.23
C GLN A 232 -25.45 -1.40 16.71
N GLY A 233 -25.93 -2.63 16.70
CA GLY A 233 -27.21 -2.87 16.08
C GLY A 233 -28.34 -2.68 17.06
N THR A 234 -29.49 -2.36 16.49
CA THR A 234 -30.65 -1.88 17.25
C THR A 234 -31.86 -2.75 16.94
N GLU A 235 -32.73 -2.92 17.92
CA GLU A 235 -33.95 -3.69 17.74
C GLU A 235 -35.11 -2.79 17.33
N TYR A 236 -35.16 -1.58 17.89
CA TYR A 236 -36.37 -0.75 17.88
C TYR A 236 -36.04 0.73 17.67
N SER A 237 -34.95 1.05 17.00
CA SER A 237 -34.50 2.44 16.89
C SER A 237 -35.22 3.16 15.77
N ALA A 238 -35.77 4.32 16.12
CA ALA A 238 -36.35 5.22 15.12
C ALA A 238 -35.30 5.78 14.19
N GLU A 239 -34.20 6.24 14.78
CA GLU A 239 -33.08 6.78 14.01
C GLU A 239 -32.49 5.78 13.02
N SER A 240 -32.36 4.53 13.45
CA SER A 240 -31.76 3.53 12.56
C SER A 240 -32.70 3.20 11.42
N LEU A 241 -34.01 3.18 11.71
CA LEU A 241 -35.00 2.99 10.67
C LEU A 241 -34.98 4.12 9.67
N VAL A 242 -34.98 5.34 10.18
CA VAL A 242 -34.81 6.55 9.37
C VAL A 242 -33.63 6.47 8.41
N ARG A 243 -32.46 6.17 8.96
CA ARG A 243 -31.23 6.02 8.19
C ARG A 243 -31.33 4.96 7.10
N ASN A 244 -31.84 3.79 7.48
CA ASN A 244 -32.05 2.70 6.54
C ASN A 244 -32.98 3.08 5.40
N LEU A 245 -34.11 3.66 5.76
CA LEU A 245 -35.13 3.96 4.78
C LEU A 245 -34.79 5.16 3.89
N GLN A 246 -34.12 6.17 4.43
CA GLN A 246 -33.58 7.27 3.61
C GLN A 246 -32.65 6.79 2.50
N TRP A 247 -31.78 5.83 2.82
CA TRP A 247 -30.94 5.25 1.79
C TRP A 247 -31.71 4.30 0.89
N ALA A 248 -32.48 3.37 1.47
CA ALA A 248 -33.11 2.31 0.69
C ALA A 248 -34.12 2.81 -0.33
N LYS A 249 -34.81 3.90 0.03
CA LYS A 249 -35.78 4.52 -0.87
C LYS A 249 -35.13 5.35 -1.97
N ALA A 250 -33.85 5.67 -1.82
CA ALA A 250 -33.08 6.23 -2.92
C ALA A 250 -32.60 5.15 -3.88
N HIS A 251 -32.98 3.90 -3.64
CA HIS A 251 -32.51 2.76 -4.41
C HIS A 251 -33.66 1.84 -4.79
N GLU A 252 -34.84 2.40 -5.02
CA GLU A 252 -35.95 1.60 -5.52
C GLU A 252 -35.78 1.41 -7.01
N LEU A 253 -35.92 0.16 -7.41
CA LEU A 253 -35.85 -0.19 -8.82
C LEU A 253 -37.30 -0.51 -9.26
N PRO A 254 -37.70 -0.28 -10.51
CA PRO A 254 -38.99 -0.72 -11.01
C PRO A 254 -39.11 -2.24 -10.94
N GLU A 255 -40.31 -2.72 -10.66
CA GLU A 255 -40.58 -4.15 -10.84
C GLU A 255 -40.63 -4.49 -12.32
N SER A 256 -40.10 -5.66 -12.66
CA SER A 256 -40.24 -6.20 -14.01
C SER A 256 -41.69 -6.26 -14.48
N MET A 257 -41.89 -5.88 -15.73
CA MET A 257 -43.20 -5.86 -16.33
C MET A 257 -43.24 -7.00 -17.32
N CYS A 258 -44.36 -7.70 -17.37
CA CYS A 258 -44.68 -8.51 -18.54
C CYS A 258 -45.70 -7.68 -19.30
N LEU A 259 -45.24 -7.08 -20.39
CA LEU A 259 -46.06 -6.19 -21.20
C LEU A 259 -46.79 -7.02 -22.23
N LYS A 260 -48.10 -6.99 -22.14
CA LYS A 260 -48.96 -7.72 -23.06
C LYS A 260 -49.33 -6.78 -24.19
N PHE A 261 -49.02 -7.17 -25.41
CA PHE A 261 -49.46 -6.41 -26.60
C PHE A 261 -50.76 -7.01 -27.10
N ASP A 262 -51.57 -6.20 -27.80
CA ASP A 262 -52.92 -6.63 -28.25
C ASP A 262 -52.97 -7.87 -29.13
N CYS A 263 -51.87 -8.19 -29.78
CA CYS A 263 -51.81 -9.40 -30.59
C CYS A 263 -51.58 -10.66 -29.77
N GLY A 264 -51.32 -10.51 -28.48
CA GLY A 264 -51.12 -11.64 -27.60
C GLY A 264 -49.68 -11.84 -27.20
N VAL A 265 -48.76 -11.16 -27.89
CA VAL A 265 -47.34 -11.21 -27.57
C VAL A 265 -47.08 -10.63 -26.19
N GLN A 266 -46.16 -11.28 -25.48
CA GLN A 266 -45.74 -10.82 -24.17
C GLN A 266 -44.26 -10.52 -24.22
N ILE A 267 -43.92 -9.30 -23.87
CA ILE A 267 -42.54 -8.87 -23.74
C ILE A 267 -42.27 -8.70 -22.26
N GLN A 268 -41.22 -9.34 -21.77
CA GLN A 268 -40.74 -9.07 -20.43
C GLN A 268 -39.76 -7.92 -20.47
N LEU A 269 -40.01 -6.96 -19.61
CA LEU A 269 -39.15 -5.79 -19.43
C LEU A 269 -38.55 -5.94 -18.03
N GLY A 270 -37.24 -6.06 -17.95
CA GLY A 270 -36.54 -6.22 -16.67
C GLY A 270 -35.58 -5.08 -16.38
N PHE A 271 -35.23 -4.94 -15.10
CA PHE A 271 -34.52 -3.77 -14.59
C PHE A 271 -33.38 -4.22 -13.69
N ALA A 272 -32.22 -3.57 -13.79
CA ALA A 272 -31.10 -3.85 -12.91
C ALA A 272 -30.45 -2.55 -12.50
N ALA A 273 -30.00 -2.47 -11.25
CA ALA A 273 -29.20 -1.32 -10.81
C ALA A 273 -27.74 -1.61 -11.11
N GLU A 274 -27.02 -0.61 -11.64
CA GLU A 274 -25.57 -0.73 -11.79
C GLU A 274 -24.87 0.25 -10.84
N PHE A 275 -25.43 1.45 -10.74
CA PHE A 275 -24.99 2.46 -9.79
C PHE A 275 -26.27 3.08 -9.23
N SER A 276 -26.16 3.97 -8.26
CA SER A 276 -27.33 4.72 -7.77
C SER A 276 -27.96 5.62 -8.84
N ASN A 277 -27.23 5.86 -9.93
CA ASN A 277 -27.67 6.69 -11.05
C ASN A 277 -27.59 5.99 -12.39
N VAL A 278 -27.51 4.66 -12.40
CA VAL A 278 -27.45 3.89 -13.63
C VAL A 278 -28.35 2.67 -13.49
N MET A 279 -29.24 2.50 -14.46
CA MET A 279 -30.13 1.35 -14.52
C MET A 279 -29.94 0.67 -15.86
N ILE A 280 -29.83 -0.66 -15.85
CA ILE A 280 -29.96 -1.43 -17.08
C ILE A 280 -31.43 -1.81 -17.22
N ILE A 281 -31.97 -1.59 -18.41
CA ILE A 281 -33.24 -2.18 -18.83
C ILE A 281 -32.92 -3.31 -19.78
N TYR A 282 -33.73 -4.35 -19.75
CA TYR A 282 -33.57 -5.46 -20.69
C TYR A 282 -34.90 -6.02 -21.15
N THR A 283 -34.97 -6.40 -22.42
CA THR A 283 -36.23 -6.84 -23.06
C THR A 283 -36.11 -8.28 -23.56
N SER A 284 -37.18 -9.05 -23.40
CA SER A 284 -37.23 -10.42 -23.93
C SER A 284 -38.64 -10.80 -24.32
N ILE A 285 -38.79 -11.62 -25.35
CA ILE A 285 -40.11 -12.16 -25.68
C ILE A 285 -40.34 -13.37 -24.79
N VAL A 286 -41.47 -13.39 -24.11
CA VAL A 286 -41.83 -14.49 -23.22
C VAL A 286 -43.04 -15.25 -23.72
N TYR A 287 -43.89 -14.61 -24.53
CA TYR A 287 -44.94 -15.34 -25.23
C TYR A 287 -45.05 -14.85 -26.65
N LYS A 288 -45.10 -15.82 -27.55
CA LYS A 288 -45.41 -15.63 -28.95
C LYS A 288 -46.61 -16.55 -29.20
N PRO A 289 -47.82 -16.03 -29.40
CA PRO A 289 -48.95 -16.81 -29.91
C PRO A 289 -48.65 -17.55 -31.22
N PRO A 290 -49.37 -18.63 -31.54
CA PRO A 290 -49.21 -19.33 -32.82
C PRO A 290 -49.55 -18.51 -34.06
N GLU A 291 -50.34 -17.47 -33.86
CA GLU A 291 -50.62 -16.49 -34.90
C GLU A 291 -49.44 -15.58 -35.25
N ILE A 292 -48.37 -15.61 -34.45
CA ILE A 292 -47.18 -14.83 -34.74
C ILE A 292 -46.05 -15.83 -35.01
N ILE A 293 -45.28 -15.54 -36.06
CA ILE A 293 -44.14 -16.38 -36.42
C ILE A 293 -42.84 -15.72 -36.00
N MET A 294 -42.79 -14.40 -36.14
CA MET A 294 -41.58 -13.63 -35.90
C MET A 294 -41.98 -12.40 -35.12
N CYS A 295 -41.18 -12.03 -34.13
CA CYS A 295 -41.36 -10.74 -33.50
C CYS A 295 -40.04 -10.21 -32.99
N ASP A 296 -39.99 -8.89 -32.88
CA ASP A 296 -38.86 -8.16 -32.31
C ASP A 296 -39.44 -7.13 -31.37
N ALA A 297 -38.87 -7.00 -30.17
CA ALA A 297 -39.20 -5.88 -29.30
C ALA A 297 -37.97 -5.01 -29.12
N TYR A 298 -38.23 -3.72 -28.90
CA TYR A 298 -37.15 -2.76 -28.69
C TYR A 298 -37.69 -1.63 -27.84
N VAL A 299 -36.78 -0.93 -27.16
CA VAL A 299 -37.15 0.25 -26.37
C VAL A 299 -36.65 1.50 -27.07
N THR A 300 -37.49 2.55 -26.99
CA THR A 300 -37.20 3.84 -27.54
C THR A 300 -37.95 4.91 -26.75
N ASP A 301 -37.72 6.17 -27.09
CA ASP A 301 -38.53 7.29 -26.58
C ASP A 301 -38.14 7.77 -25.19
N PHE A 302 -36.90 7.56 -24.78
CA PHE A 302 -36.48 7.94 -23.41
C PHE A 302 -36.47 9.46 -23.19
N PRO A 303 -36.66 9.95 -21.95
CA PRO A 303 -36.57 11.39 -21.65
C PRO A 303 -35.23 11.99 -22.06
N LEU A 304 -35.28 13.15 -22.68
CA LEU A 304 -34.07 13.76 -23.23
C LEU A 304 -33.01 14.11 -22.19
N ASP A 305 -33.45 14.32 -20.96
CA ASP A 305 -32.55 14.58 -19.83
C ASP A 305 -31.51 13.48 -19.61
N LEU A 306 -31.93 12.25 -19.87
CA LEU A 306 -31.08 11.09 -19.62
C LEU A 306 -30.11 10.85 -20.77
N ASP A 307 -30.48 11.32 -21.97
CA ASP A 307 -29.50 11.60 -23.01
C ASP A 307 -28.94 10.37 -23.71
N ILE A 308 -29.82 9.42 -23.99
CA ILE A 308 -29.42 8.14 -24.55
C ILE A 308 -29.26 8.26 -26.06
N ASP A 309 -28.10 7.81 -26.55
CA ASP A 309 -27.97 7.52 -27.97
C ASP A 309 -28.61 6.16 -28.22
N PRO A 310 -29.56 6.03 -29.17
CA PRO A 310 -30.17 4.73 -29.45
C PRO A 310 -29.24 3.73 -30.10
N LYS A 311 -28.09 4.20 -30.59
CA LYS A 311 -26.97 3.33 -30.94
C LYS A 311 -26.43 2.50 -29.78
N ASP A 312 -26.64 2.97 -28.55
CA ASP A 312 -26.17 2.29 -27.34
C ASP A 312 -27.34 1.67 -26.57
N ALA A 313 -28.49 1.61 -27.22
CA ALA A 313 -29.65 0.90 -26.69
C ALA A 313 -29.81 -0.37 -27.49
N ASN A 314 -30.53 -1.31 -26.90
CA ASN A 314 -31.04 -2.48 -27.61
C ASN A 314 -29.94 -3.47 -28.00
N LYS A 315 -28.84 -3.46 -27.26
CA LYS A 315 -27.66 -4.22 -27.64
C LYS A 315 -27.80 -5.66 -27.19
N GLY A 316 -26.99 -6.55 -27.76
CA GLY A 316 -27.22 -7.97 -27.48
C GLY A 316 -26.43 -8.53 -26.31
N THR A 317 -25.61 -7.68 -25.71
CA THR A 317 -24.98 -7.95 -24.42
C THR A 317 -25.15 -6.69 -23.58
N PRO A 318 -25.16 -6.78 -22.23
CA PRO A 318 -25.00 -5.59 -21.40
C PRO A 318 -23.63 -4.94 -21.56
N GLU A 319 -22.61 -5.74 -21.84
CA GLU A 319 -21.27 -5.28 -22.19
C GLU A 319 -21.23 -4.21 -23.27
N GLU A 320 -22.03 -4.40 -24.32
CA GLU A 320 -22.14 -3.42 -25.40
C GLU A 320 -22.70 -2.06 -25.01
N THR A 321 -23.49 -2.02 -23.94
CA THR A 321 -24.02 -0.74 -23.45
C THR A 321 -22.99 0.06 -22.66
N GLY A 322 -21.89 -0.58 -22.30
CA GLY A 322 -20.91 0.06 -21.43
C GLY A 322 -21.04 -0.37 -19.99
N SER A 323 -21.84 -1.40 -19.74
CA SER A 323 -22.06 -1.85 -18.39
C SER A 323 -20.84 -2.57 -17.84
N TYR A 324 -20.69 -2.45 -16.52
CA TYR A 324 -19.90 -3.40 -15.76
C TYR A 324 -20.58 -4.77 -15.69
N LEU A 325 -21.92 -4.79 -15.74
CA LEU A 325 -22.66 -6.04 -15.64
C LEU A 325 -22.43 -6.84 -16.91
N VAL A 326 -22.05 -8.08 -16.74
CA VAL A 326 -21.74 -8.96 -17.86
C VAL A 326 -22.92 -9.87 -18.14
N SER A 327 -22.80 -10.60 -19.24
CA SER A 327 -23.83 -11.54 -19.71
C SER A 327 -24.21 -12.64 -18.71
N LYS A 328 -23.28 -12.96 -17.80
CA LYS A 328 -23.58 -13.92 -16.74
C LYS A 328 -24.28 -13.30 -15.53
N ASP A 329 -24.29 -11.98 -15.41
CA ASP A 329 -24.92 -11.32 -14.27
C ASP A 329 -26.42 -11.18 -14.50
N LEU A 330 -26.77 -10.69 -15.69
CA LEU A 330 -28.17 -10.44 -16.01
C LEU A 330 -28.81 -11.68 -16.64
N PRO A 331 -30.15 -11.79 -16.63
CA PRO A 331 -30.92 -12.70 -17.49
C PRO A 331 -30.45 -12.69 -18.95
N LYS A 332 -30.40 -13.87 -19.54
CA LYS A 332 -29.65 -14.04 -20.78
C LYS A 332 -30.58 -13.94 -21.99
N HIS A 333 -30.01 -13.44 -23.08
CA HIS A 333 -30.64 -13.47 -24.41
C HIS A 333 -31.63 -12.34 -24.65
N CYS A 334 -31.44 -11.25 -23.92
CA CYS A 334 -32.29 -10.08 -24.04
C CYS A 334 -31.65 -9.06 -24.97
N LEU A 335 -32.36 -7.98 -25.23
CA LEU A 335 -31.69 -6.74 -25.65
C LEU A 335 -31.50 -5.90 -24.40
N TYR A 336 -30.38 -5.20 -24.32
CA TYR A 336 -29.97 -4.49 -23.09
C TYR A 336 -29.84 -3.00 -23.41
N THR A 337 -30.29 -2.14 -22.50
CA THR A 337 -30.16 -0.69 -22.63
C THR A 337 -29.68 -0.13 -21.30
N ARG A 338 -28.71 0.77 -21.31
CA ARG A 338 -28.22 1.39 -20.08
C ARG A 338 -28.77 2.79 -20.00
N LEU A 339 -29.49 3.08 -18.92
CA LEU A 339 -30.00 4.41 -18.67
C LEU A 339 -29.16 5.00 -17.57
N SER A 340 -28.21 5.81 -17.97
CA SER A 340 -27.38 6.57 -17.04
C SER A 340 -27.97 7.97 -16.85
N SER A 341 -27.40 8.69 -15.90
CA SER A 341 -27.79 10.09 -15.67
C SER A 341 -29.13 10.23 -14.95
N LEU A 342 -29.56 9.20 -14.19
CA LEU A 342 -30.89 9.23 -13.57
C LEU A 342 -31.18 10.43 -12.69
N GLN A 343 -30.13 11.00 -12.09
CA GLN A 343 -30.24 12.23 -11.32
C GLN A 343 -30.75 13.45 -12.09
N LYS A 344 -30.71 13.37 -13.42
CA LYS A 344 -31.19 14.46 -14.27
C LYS A 344 -32.67 14.34 -14.60
N LEU A 345 -33.33 13.24 -14.23
CA LEU A 345 -34.74 13.05 -14.54
C LEU A 345 -35.60 14.11 -13.88
N LYS A 346 -36.40 14.79 -14.69
CA LYS A 346 -37.26 15.85 -14.17
C LYS A 346 -38.63 15.35 -13.76
N GLU A 347 -39.19 14.50 -14.62
CA GLU A 347 -40.56 14.02 -14.45
C GLU A 347 -40.53 12.54 -14.17
N HIS A 348 -41.15 11.76 -15.04
CA HIS A 348 -41.12 10.31 -14.91
C HIS A 348 -40.28 9.77 -16.04
N LEU A 349 -39.74 8.58 -15.82
CA LEU A 349 -39.12 7.82 -16.89
C LEU A 349 -40.23 7.18 -17.71
N VAL A 350 -40.70 7.95 -18.69
CA VAL A 350 -41.64 7.47 -19.67
C VAL A 350 -40.85 7.05 -20.89
N PHE A 351 -41.10 5.86 -21.39
CA PHE A 351 -40.48 5.38 -22.62
C PHE A 351 -41.45 4.46 -23.33
N THR A 352 -41.02 3.90 -24.45
CA THR A 352 -41.91 3.13 -25.30
C THR A 352 -41.24 1.81 -25.56
N VAL A 353 -41.95 0.73 -25.26
CA VAL A 353 -41.59 -0.57 -25.82
C VAL A 353 -42.36 -0.66 -27.14
N CYS A 354 -41.62 -0.84 -28.22
CA CYS A 354 -42.23 -1.16 -29.49
C CYS A 354 -42.19 -2.65 -29.70
N LEU A 355 -43.17 -3.13 -30.46
CA LEU A 355 -43.21 -4.49 -30.96
C LEU A 355 -43.30 -4.44 -32.46
N SER A 356 -42.45 -5.18 -33.14
CA SER A 356 -42.66 -5.52 -34.54
C SER A 356 -43.11 -6.98 -34.53
N TYR A 357 -44.17 -7.33 -35.25
CA TYR A 357 -44.59 -8.72 -35.34
C TYR A 357 -45.02 -9.08 -36.74
N GLN A 358 -44.69 -10.30 -37.16
CA GLN A 358 -45.15 -10.84 -38.43
C GLN A 358 -46.19 -11.89 -38.13
N TYR A 359 -47.31 -11.82 -38.84
CA TYR A 359 -48.36 -12.82 -38.68
C TYR A 359 -48.01 -14.10 -39.42
N SER A 360 -48.39 -15.21 -38.82
CA SER A 360 -48.12 -16.56 -39.32
C SER A 360 -48.71 -16.81 -40.70
N GLY A 361 -47.82 -16.98 -41.66
CA GLY A 361 -48.25 -17.29 -43.02
C GLY A 361 -48.20 -16.10 -43.95
N LEU A 362 -48.05 -14.92 -43.37
CA LEU A 362 -47.97 -13.68 -44.13
C LEU A 362 -46.54 -13.18 -44.07
N GLU A 363 -46.21 -12.40 -45.08
CA GLU A 363 -45.02 -11.54 -45.06
C GLU A 363 -45.24 -10.30 -44.20
N ASP A 364 -46.50 -9.90 -44.05
CA ASP A 364 -46.88 -8.65 -43.41
C ASP A 364 -46.38 -8.47 -41.99
N THR A 365 -45.67 -7.38 -41.79
CA THR A 365 -45.18 -7.01 -40.47
C THR A 365 -46.05 -5.87 -39.95
N VAL A 366 -46.43 -6.01 -38.69
CA VAL A 366 -47.19 -5.02 -37.94
C VAL A 366 -46.25 -4.35 -36.95
N GLU A 367 -46.45 -3.07 -36.70
CA GLU A 367 -45.81 -2.39 -35.57
C GLU A 367 -46.89 -2.16 -34.50
N ASP A 368 -46.46 -2.22 -33.25
CA ASP A 368 -47.25 -1.77 -32.10
C ASP A 368 -46.35 -1.03 -31.12
N LYS A 369 -46.98 -0.18 -30.29
CA LYS A 369 -46.29 0.70 -29.35
C LYS A 369 -46.99 0.61 -28.00
N GLN A 370 -46.21 0.48 -26.95
CA GLN A 370 -46.72 0.47 -25.58
C GLN A 370 -45.88 1.43 -24.76
N GLU A 371 -46.48 2.55 -24.36
CA GLU A 371 -45.83 3.48 -23.45
C GLU A 371 -45.78 2.92 -22.04
N VAL A 372 -44.57 2.93 -21.49
CA VAL A 372 -44.28 2.50 -20.14
C VAL A 372 -43.92 3.75 -19.34
N ASN A 373 -44.42 3.83 -18.12
CA ASN A 373 -43.91 4.78 -17.14
C ASN A 373 -43.40 3.93 -15.98
N VAL A 374 -42.17 4.21 -15.55
CA VAL A 374 -41.58 3.53 -14.39
C VAL A 374 -41.27 4.48 -13.23
N GLY A 375 -41.80 5.69 -13.28
CA GLY A 375 -41.65 6.57 -12.14
C GLY A 375 -40.30 7.26 -12.13
N LYS A 376 -39.73 7.32 -10.94
CA LYS A 376 -38.43 7.91 -10.71
C LYS A 376 -37.51 6.84 -10.11
N PRO A 377 -36.80 6.02 -10.90
CA PRO A 377 -35.97 4.94 -10.37
C PRO A 377 -34.69 5.45 -9.72
N LEU A 378 -34.32 4.84 -8.59
CA LEU A 378 -33.01 5.04 -7.99
C LEU A 378 -32.87 6.47 -7.44
N ILE A 379 -31.74 7.13 -7.69
CA ILE A 379 -31.55 8.50 -7.15
C ILE A 379 -32.51 9.51 -7.79
N ALA A 380 -33.14 9.15 -8.91
CA ALA A 380 -34.13 10.02 -9.55
C ALA A 380 -35.29 10.37 -8.67
N LYS A 381 -35.60 9.44 -7.75
CA LYS A 381 -36.56 9.62 -6.67
C LYS A 381 -36.42 10.92 -5.88
N LEU A 382 -35.18 11.34 -5.66
CA LEU A 382 -34.92 12.52 -4.84
C LEU A 382 -35.42 13.80 -5.49
N ASP A 383 -35.37 13.84 -6.81
CA ASP A 383 -35.94 14.92 -7.59
C ASP A 383 -35.23 16.24 -7.41
N MET A 384 -33.90 16.19 -7.42
CA MET A 384 -33.13 17.30 -6.89
C MET A 384 -32.51 18.20 -7.93
N HIS A 385 -32.71 17.88 -9.21
CA HIS A 385 -32.25 18.67 -10.35
C HIS A 385 -32.50 20.18 -10.23
N GLN B 4 12.93 -4.89 -23.44
CA GLN B 4 12.97 -5.23 -22.01
C GLN B 4 13.94 -4.31 -21.27
N PRO B 5 13.60 -3.82 -20.09
CA PRO B 5 14.57 -3.12 -19.25
C PRO B 5 15.58 -4.08 -18.66
N LEU B 6 16.83 -3.64 -18.61
CA LEU B 6 17.89 -4.42 -17.99
C LEU B 6 18.50 -3.58 -16.90
N ALA B 7 19.05 -4.25 -15.90
CA ALA B 7 19.95 -3.58 -14.96
C ALA B 7 21.36 -3.86 -15.40
N LYS B 8 22.30 -2.96 -15.14
CA LYS B 8 23.71 -3.35 -15.27
C LYS B 8 24.25 -3.95 -13.97
N ASP B 9 23.59 -3.64 -12.85
CA ASP B 9 23.81 -4.29 -11.57
C ASP B 9 22.61 -4.07 -10.68
N LYS B 10 22.63 -4.74 -9.54
CA LYS B 10 21.65 -4.64 -8.48
C LYS B 10 22.38 -4.53 -7.15
N VAL B 11 22.32 -3.36 -6.53
CA VAL B 11 23.00 -3.13 -5.25
C VAL B 11 21.99 -2.59 -4.26
N ALA B 12 22.10 -2.98 -3.00
CA ALA B 12 21.22 -2.49 -1.95
C ALA B 12 21.98 -2.21 -0.67
N LEU B 13 21.56 -1.18 0.05
CA LEU B 13 22.06 -0.90 1.39
C LEU B 13 20.86 -0.78 2.31
N LEU B 14 20.88 -1.56 3.39
CA LEU B 14 19.81 -1.49 4.38
C LEU B 14 20.43 -1.12 5.71
N ILE B 15 19.86 -0.11 6.36
CA ILE B 15 20.31 0.31 7.68
C ILE B 15 19.14 0.18 8.64
N GLY B 16 19.39 -0.40 9.83
CA GLY B 16 18.39 -0.47 10.88
C GLY B 16 18.93 0.04 12.20
N ASN B 17 18.41 1.16 12.69
CA ASN B 17 18.94 1.76 13.92
C ASN B 17 17.98 1.58 15.07
N MET B 18 18.52 1.16 16.21
CA MET B 18 17.73 0.65 17.32
C MET B 18 18.23 1.13 18.65
N ASN B 19 19.54 0.98 18.82
CA ASN B 19 20.19 1.14 20.12
C ASN B 19 20.62 2.58 20.32
N TYR B 20 19.64 3.46 20.39
CA TYR B 20 19.92 4.87 20.58
C TYR B 20 20.42 5.18 21.98
N ARG B 21 21.44 6.01 22.04
CA ARG B 21 22.02 6.36 23.34
C ARG B 21 21.22 7.44 24.02
N GLU B 22 20.81 8.43 23.23
CA GLU B 22 20.20 9.66 23.77
C GLU B 22 18.72 9.74 23.42
N HIS B 23 18.18 8.71 22.80
CA HIS B 23 16.81 8.71 22.24
C HIS B 23 16.16 7.39 22.60
N PRO B 24 14.82 7.26 22.56
CA PRO B 24 14.12 5.99 22.81
C PRO B 24 14.63 4.89 21.90
N LYS B 25 14.93 3.74 22.48
CA LYS B 25 15.37 2.62 21.68
C LYS B 25 14.20 2.04 20.88
N LEU B 26 14.54 1.47 19.73
CA LEU B 26 13.55 0.87 18.85
C LEU B 26 13.88 -0.61 18.74
N LYS B 27 12.91 -1.38 18.27
CA LYS B 27 13.05 -2.83 18.14
C LYS B 27 12.75 -3.28 16.73
N ALA B 28 11.73 -2.67 16.13
CA ALA B 28 11.28 -2.99 14.78
C ALA B 28 12.29 -3.21 13.64
N PRO B 29 13.26 -2.30 13.42
CA PRO B 29 14.18 -2.35 12.28
C PRO B 29 14.86 -3.68 11.99
N LEU B 30 15.28 -4.40 13.05
CA LEU B 30 15.94 -5.71 12.92
C LEU B 30 15.27 -6.66 11.95
N VAL B 31 14.02 -6.95 12.26
CA VAL B 31 13.21 -7.83 11.44
C VAL B 31 13.00 -7.30 10.03
N ASP B 32 12.69 -6.02 9.93
CA ASP B 32 12.34 -5.46 8.63
C ASP B 32 13.53 -5.43 7.68
N VAL B 33 14.71 -5.12 8.21
CA VAL B 33 15.95 -5.19 7.44
C VAL B 33 16.24 -6.62 6.99
N TYR B 34 16.10 -7.58 7.90
CA TYR B 34 16.42 -8.97 7.60
C TYR B 34 15.56 -9.50 6.46
N GLU B 35 14.26 -9.26 6.60
CA GLU B 35 13.31 -9.78 5.65
C GLU B 35 13.43 -9.14 4.27
N LEU B 36 13.73 -7.85 4.24
CA LEU B 36 13.95 -7.18 2.96
C LEU B 36 15.27 -7.61 2.32
N THR B 37 16.30 -7.77 3.14
CA THR B 37 17.59 -8.32 2.70
C THR B 37 17.41 -9.67 2.00
N ASN B 38 16.67 -10.54 2.67
CA ASN B 38 16.31 -11.85 2.14
C ASN B 38 15.59 -11.77 0.80
N LEU B 39 14.59 -10.89 0.70
CA LEU B 39 13.88 -10.66 -0.57
C LEU B 39 14.82 -10.20 -1.68
N LEU B 40 15.62 -9.20 -1.36
CA LEU B 40 16.54 -8.63 -2.34
C LEU B 40 17.62 -9.60 -2.78
N ARG B 41 18.14 -10.41 -1.85
CA ARG B 41 19.02 -11.53 -2.18
C ARG B 41 18.48 -12.45 -3.27
N GLN B 42 17.20 -12.79 -3.12
CA GLN B 42 16.50 -13.65 -4.07
C GLN B 42 16.22 -12.99 -5.41
N LEU B 43 16.28 -11.67 -5.45
CA LEU B 43 16.11 -10.91 -6.69
C LEU B 43 17.44 -10.59 -7.34
N ASP B 44 18.53 -11.16 -6.80
CA ASP B 44 19.87 -11.01 -7.34
C ASP B 44 20.55 -9.69 -6.98
N PHE B 45 20.10 -9.06 -5.90
CA PHE B 45 20.83 -7.93 -5.36
C PHE B 45 22.01 -8.43 -4.57
N LYS B 46 23.10 -7.68 -4.70
CA LYS B 46 24.14 -7.71 -3.69
C LYS B 46 23.70 -6.77 -2.59
N VAL B 47 23.65 -7.29 -1.36
CA VAL B 47 23.05 -6.53 -0.27
C VAL B 47 24.11 -6.28 0.78
N VAL B 48 24.06 -5.09 1.37
CA VAL B 48 24.65 -4.84 2.67
C VAL B 48 23.51 -4.56 3.64
N SER B 49 23.63 -5.11 4.85
CA SER B 49 22.63 -4.93 5.89
C SER B 49 23.37 -4.59 7.17
N LEU B 50 23.11 -3.41 7.72
CA LEU B 50 23.88 -2.92 8.86
C LEU B 50 22.92 -2.51 9.96
N LEU B 51 23.19 -2.98 11.17
CA LEU B 51 22.42 -2.52 12.30
C LEU B 51 23.24 -1.55 13.14
N ASP B 52 22.56 -0.53 13.67
CA ASP B 52 23.05 0.27 14.79
C ASP B 52 24.27 1.09 14.43
N LEU B 53 24.13 1.95 13.44
CA LEU B 53 25.26 2.70 12.94
C LEU B 53 25.32 4.08 13.59
N THR B 54 26.54 4.50 13.87
CA THR B 54 26.84 5.90 14.23
C THR B 54 26.79 6.80 13.00
N GLU B 55 26.97 8.09 13.23
CA GLU B 55 27.03 9.04 12.12
C GLU B 55 28.18 8.76 11.17
N TYR B 56 29.36 8.60 11.74
CA TYR B 56 30.54 8.20 10.97
C TYR B 56 30.32 6.92 10.17
N GLU B 57 29.76 5.92 10.83
CA GLU B 57 29.45 4.66 10.16
C GLU B 57 28.41 4.80 9.06
N MET B 58 27.32 5.53 9.34
CA MET B 58 26.27 5.77 8.36
C MET B 58 26.79 6.50 7.15
N ARG B 59 27.57 7.56 7.39
CA ARG B 59 28.12 8.33 6.28
C ARG B 59 29.03 7.51 5.40
N ASN B 60 29.95 6.74 6.00
CA ASN B 60 30.81 5.87 5.22
C ASN B 60 30.03 4.88 4.38
N ALA B 61 29.04 4.25 5.03
CA ALA B 61 28.21 3.26 4.36
C ALA B 61 27.43 3.84 3.19
N VAL B 62 26.68 4.91 3.46
CA VAL B 62 25.93 5.62 2.43
C VAL B 62 26.80 6.11 1.29
N ASP B 63 27.93 6.75 1.61
CA ASP B 63 28.88 7.21 0.58
C ASP B 63 29.40 6.10 -0.32
N GLU B 64 29.77 4.98 0.30
CA GLU B 64 30.26 3.86 -0.48
C GLU B 64 29.16 3.19 -1.28
N PHE B 65 27.94 3.14 -0.74
CA PHE B 65 26.78 2.78 -1.54
C PHE B 65 26.61 3.65 -2.78
N LEU B 66 26.69 4.96 -2.59
CA LEU B 66 26.55 5.91 -3.69
C LEU B 66 27.59 5.73 -4.80
N LEU B 67 28.81 5.31 -4.42
CA LEU B 67 29.84 4.95 -5.38
C LEU B 67 29.51 3.78 -6.31
N LEU B 68 28.59 2.91 -5.91
CA LEU B 68 28.25 1.75 -6.73
C LEU B 68 27.27 2.07 -7.84
N LEU B 69 26.68 3.26 -7.80
CA LEU B 69 25.58 3.62 -8.69
C LEU B 69 26.12 4.12 -10.01
N ASP B 70 26.66 3.17 -10.77
CA ASP B 70 27.15 3.42 -12.12
C ASP B 70 26.00 3.43 -13.11
N LYS B 71 26.32 3.67 -14.38
CA LYS B 71 25.29 3.74 -15.42
C LYS B 71 24.48 2.46 -15.52
N GLY B 72 23.19 2.59 -15.33
CA GLY B 72 22.31 1.45 -15.54
C GLY B 72 22.12 0.56 -14.34
N VAL B 73 22.85 0.83 -13.26
CA VAL B 73 22.72 0.09 -12.01
C VAL B 73 21.36 0.38 -11.39
N TYR B 74 20.84 -0.63 -10.71
CA TYR B 74 19.65 -0.49 -9.89
C TYR B 74 20.15 -0.40 -8.46
N GLY B 75 19.81 0.70 -7.79
CA GLY B 75 20.24 0.91 -6.42
C GLY B 75 19.06 1.06 -5.49
N LEU B 76 19.10 0.38 -4.35
CA LEU B 76 18.06 0.48 -3.32
C LEU B 76 18.70 0.90 -2.02
N LEU B 77 18.23 1.99 -1.43
CA LEU B 77 18.63 2.35 -0.08
C LEU B 77 17.41 2.21 0.81
N TYR B 78 17.57 1.58 1.94
CA TYR B 78 16.51 1.44 2.92
C TYR B 78 17.01 1.91 4.26
N TYR B 79 16.18 2.68 4.96
CA TYR B 79 16.47 3.08 6.33
C TYR B 79 15.28 2.82 7.23
N ALA B 80 15.55 2.32 8.42
CA ALA B 80 14.57 2.24 9.48
C ALA B 80 15.19 2.65 10.79
N GLY B 81 14.43 3.41 11.58
CA GLY B 81 14.96 3.96 12.83
C GLY B 81 14.34 5.31 13.12
N HIS B 82 15.01 6.14 13.91
CA HIS B 82 14.46 7.48 14.15
C HIS B 82 14.73 8.37 12.95
N GLY B 83 13.75 9.18 12.65
CA GLY B 83 13.94 10.33 11.81
C GLY B 83 13.39 11.57 12.45
N TYR B 84 13.65 12.70 11.82
CA TYR B 84 12.99 13.95 12.20
C TYR B 84 12.83 14.84 10.98
N GLU B 85 12.02 15.90 11.14
CA GLU B 85 11.79 16.87 10.06
C GLU B 85 12.11 18.29 10.51
N ASN B 86 12.69 19.11 9.63
CA ASN B 86 13.13 20.46 9.99
C ASN B 86 13.08 21.33 8.75
N PHE B 87 12.08 22.20 8.65
CA PHE B 87 12.05 23.29 7.65
C PHE B 87 12.05 22.82 6.22
N GLY B 88 11.38 21.71 5.98
CA GLY B 88 11.41 21.15 4.63
C GLY B 88 12.41 20.04 4.41
N ASN B 89 13.34 19.87 5.34
CA ASN B 89 14.28 18.76 5.27
C ASN B 89 13.89 17.69 6.24
N SER B 90 14.31 16.47 5.91
CA SER B 90 14.10 15.30 6.74
C SER B 90 15.44 14.62 6.94
N PHE B 91 15.54 13.98 8.10
CA PHE B 91 16.82 13.52 8.61
C PHE B 91 16.71 12.11 9.13
N MET B 92 17.73 11.31 8.86
CA MET B 92 17.89 10.01 9.47
C MET B 92 18.82 10.16 10.67
N VAL B 93 18.42 9.64 11.82
CA VAL B 93 19.18 9.82 13.04
C VAL B 93 20.09 8.61 13.30
N PRO B 94 21.41 8.77 13.39
CA PRO B 94 22.30 7.70 13.85
C PRO B 94 22.23 7.46 15.35
N VAL B 95 22.62 6.26 15.78
CA VAL B 95 22.43 5.86 17.19
C VAL B 95 23.19 6.67 18.23
N ASP B 96 24.22 7.39 17.79
CA ASP B 96 25.02 8.23 18.67
C ASP B 96 24.52 9.66 18.74
N ALA B 97 23.45 10.00 18.01
CA ALA B 97 22.97 11.38 17.93
C ALA B 97 22.69 12.03 19.29
N PRO B 98 23.25 13.20 19.60
CA PRO B 98 22.85 14.01 20.76
C PRO B 98 21.35 14.29 20.83
N ASN B 99 20.88 14.50 22.06
CA ASN B 99 19.58 15.13 22.26
C ASN B 99 19.85 16.60 22.56
N PRO B 100 19.17 17.57 21.93
CA PRO B 100 18.17 17.38 20.88
C PRO B 100 18.83 17.10 19.55
N TYR B 101 18.00 16.71 18.58
CA TYR B 101 18.50 16.49 17.22
C TYR B 101 19.03 17.78 16.62
N ARG B 102 20.23 17.70 16.06
CA ARG B 102 20.78 18.79 15.28
C ARG B 102 21.22 18.21 13.95
N SER B 103 20.95 18.95 12.89
CA SER B 103 21.19 18.54 11.50
C SER B 103 22.59 18.01 11.22
N GLU B 104 23.57 18.68 11.82
CA GLU B 104 24.98 18.30 11.75
C GLU B 104 25.29 16.89 12.23
N ASN B 105 24.43 16.34 13.07
CA ASN B 105 24.62 15.00 13.64
C ASN B 105 23.92 13.91 12.82
N CYS B 106 23.13 14.30 11.81
CA CYS B 106 22.18 13.41 11.14
C CYS B 106 22.41 13.43 9.64
N LEU B 107 21.84 12.46 8.94
CA LEU B 107 21.98 12.38 7.48
C LEU B 107 20.71 12.92 6.84
N CYS B 108 20.84 13.85 5.91
CA CYS B 108 19.66 14.47 5.29
C CYS B 108 19.15 13.64 4.14
N VAL B 109 17.86 13.37 4.16
CA VAL B 109 17.16 12.62 3.12
C VAL B 109 17.26 13.28 1.74
N GLN B 110 17.11 14.60 1.74
CA GLN B 110 17.07 15.34 0.48
C GLN B 110 18.42 15.35 -0.23
N ASN B 111 19.50 15.38 0.56
CA ASN B 111 20.86 15.20 0.06
C ASN B 111 21.02 13.90 -0.66
N ILE B 112 20.69 12.83 0.05
CA ILE B 112 20.84 11.48 -0.45
C ILE B 112 19.99 11.25 -1.70
N LEU B 113 18.78 11.78 -1.68
CA LEU B 113 17.91 11.69 -2.85
C LEU B 113 18.50 12.40 -4.07
N LYS B 114 19.04 13.61 -3.90
CA LYS B 114 19.68 14.27 -5.05
C LYS B 114 21.02 13.66 -5.44
N LEU B 115 21.78 13.14 -4.49
CA LEU B 115 22.94 12.31 -4.81
C LEU B 115 22.61 11.06 -5.63
N MET B 116 21.46 10.44 -5.36
CA MET B 116 21.01 9.31 -6.17
C MET B 116 20.55 9.75 -7.55
N GLN B 117 19.76 10.82 -7.60
CA GLN B 117 19.22 11.30 -8.88
C GLN B 117 20.28 11.86 -9.84
N GLU B 118 21.45 12.21 -9.32
CA GLU B 118 22.60 12.60 -10.14
C GLU B 118 23.22 11.46 -10.94
N LYS B 119 22.94 10.22 -10.57
CA LYS B 119 23.56 9.07 -11.21
C LYS B 119 22.83 8.70 -12.49
N GLU B 120 23.52 8.00 -13.37
CA GLU B 120 22.93 7.49 -14.62
C GLU B 120 22.34 6.09 -14.43
N THR B 121 21.90 5.80 -13.22
CA THR B 121 21.21 4.57 -12.85
C THR B 121 19.99 4.25 -13.72
N GLY B 122 19.61 2.99 -13.65
CA GLY B 122 18.40 2.59 -14.35
C GLY B 122 17.17 2.66 -13.45
N LEU B 123 17.40 2.56 -12.14
CA LEU B 123 16.33 2.62 -11.15
C LEU B 123 16.99 3.00 -9.83
N ASN B 124 16.49 4.05 -9.19
CA ASN B 124 16.81 4.31 -7.79
C ASN B 124 15.58 3.95 -6.97
N VAL B 125 15.80 3.30 -5.83
CA VAL B 125 14.76 3.09 -4.85
C VAL B 125 15.28 3.66 -3.55
N PHE B 126 14.49 4.49 -2.88
CA PHE B 126 14.91 5.05 -1.60
C PHE B 126 13.71 4.99 -0.67
N LEU B 127 13.83 4.18 0.37
CA LEU B 127 12.71 3.84 1.24
C LEU B 127 13.09 4.21 2.65
N LEU B 128 12.25 5.00 3.31
CA LEU B 128 12.48 5.36 4.71
C LEU B 128 11.29 4.95 5.55
N ASP B 129 11.55 4.28 6.66
CA ASP B 129 10.50 3.82 7.54
C ASP B 129 10.83 4.29 8.95
N MET B 130 10.27 5.42 9.36
CA MET B 130 10.86 6.13 10.49
C MET B 130 9.92 6.26 11.67
N CYS B 131 10.53 6.28 12.83
CA CYS B 131 9.86 6.81 14.01
C CYS B 131 10.14 8.31 14.04
N ARG B 132 9.10 9.09 14.30
CA ARG B 132 9.30 10.48 14.67
C ARG B 132 8.88 10.62 16.12
N LYS B 133 9.75 11.16 16.96
CA LYS B 133 9.36 11.58 18.31
C LYS B 133 8.22 12.60 18.28
N ARG B 134 7.34 12.56 19.29
CA ARG B 134 6.21 13.49 19.33
C ARG B 134 6.62 14.96 19.38
N ASN B 135 7.71 15.23 20.10
CA ASN B 135 8.29 16.57 20.20
C ASN B 135 8.65 17.22 18.85
N ASP B 136 8.95 16.38 17.87
CA ASP B 136 9.27 16.85 16.53
C ASP B 136 8.03 17.28 15.74
N TYR B 137 6.83 16.98 16.23
CA TYR B 137 5.63 17.46 15.55
C TYR B 137 5.34 18.93 15.88
N ASP B 138 5.78 19.40 17.04
CA ASP B 138 5.23 20.67 17.56
C ASP B 138 6.16 21.85 17.44
N ASP B 139 7.39 21.62 16.98
CA ASP B 139 8.44 22.61 17.22
C ASP B 139 8.74 23.46 15.97
N THR B 140 8.47 22.92 14.79
CA THR B 140 8.75 23.64 13.54
C THR B 140 7.51 23.54 12.65
N ILE B 141 7.20 24.62 11.96
CA ILE B 141 6.16 24.62 10.92
C ILE B 141 6.63 23.77 9.75
N PRO B 142 5.86 22.78 9.27
CA PRO B 142 6.26 22.01 8.09
C PRO B 142 6.19 22.81 6.80
N ILE B 143 7.04 22.41 5.87
CA ILE B 143 7.03 22.94 4.50
C ILE B 143 7.03 21.81 3.49
N LEU B 144 7.98 20.89 3.67
CA LEU B 144 8.40 19.96 2.62
C LEU B 144 8.77 18.62 3.20
N ASP B 145 8.61 17.62 2.34
CA ASP B 145 8.73 16.18 2.61
C ASP B 145 8.53 15.42 1.30
N ALA B 146 7.81 16.05 0.36
CA ALA B 146 7.51 15.52 -0.96
C ALA B 146 8.71 15.21 -1.84
N LEU B 147 9.40 16.28 -2.21
CA LEU B 147 10.61 16.24 -3.02
C LEU B 147 10.32 16.33 -4.51
N LYS B 148 11.40 16.54 -5.26
CA LYS B 148 11.34 16.82 -6.69
C LYS B 148 11.77 15.54 -7.41
N VAL B 149 11.00 14.50 -7.11
CA VAL B 149 11.23 13.11 -7.49
C VAL B 149 11.29 12.97 -9.02
N THR B 150 12.50 12.81 -9.54
CA THR B 150 12.79 12.86 -10.97
C THR B 150 13.90 11.87 -11.31
N ALA B 151 13.99 11.49 -12.59
CA ALA B 151 14.81 10.38 -13.08
C ALA B 151 13.99 9.10 -13.07
N ASN B 152 14.65 7.94 -13.03
CA ASN B 152 13.93 6.72 -12.64
C ASN B 152 14.09 6.55 -11.15
N ILE B 153 13.06 6.93 -10.41
CA ILE B 153 13.12 6.92 -8.97
C ILE B 153 11.81 6.43 -8.38
N VAL B 154 11.94 5.65 -7.32
CA VAL B 154 10.83 5.31 -6.44
C VAL B 154 11.23 5.81 -5.06
N PHE B 155 10.55 6.84 -4.58
CA PHE B 155 10.79 7.36 -3.23
C PHE B 155 9.66 6.85 -2.36
N GLY B 156 9.99 6.24 -1.23
CA GLY B 156 9.01 5.83 -0.26
C GLY B 156 9.36 6.38 1.10
N TYR B 157 8.36 6.85 1.82
CA TYR B 157 8.59 7.58 3.06
C TYR B 157 7.45 7.30 4.01
N ALA B 158 7.73 6.62 5.13
CA ALA B 158 6.70 6.30 6.12
C ALA B 158 7.11 6.84 7.47
N THR B 159 6.13 7.34 8.23
CA THR B 159 6.34 7.80 9.60
C THR B 159 5.24 7.31 10.55
N CYS B 160 5.60 7.07 11.81
CA CYS B 160 4.65 6.97 12.92
C CYS B 160 5.15 7.90 14.01
N GLN B 161 4.19 8.52 14.69
CA GLN B 161 4.49 9.37 15.82
C GLN B 161 4.71 8.54 17.08
N GLY B 162 5.96 8.54 17.53
CA GLY B 162 6.31 7.99 18.81
C GLY B 162 6.68 6.51 18.73
N ALA B 163 7.62 6.11 19.58
CA ALA B 163 8.12 4.74 19.59
C ALA B 163 7.06 3.67 19.85
N GLU B 164 6.12 3.95 20.75
CA GLU B 164 5.05 3.00 21.04
C GLU B 164 4.21 2.65 19.82
N ALA B 165 3.75 3.70 19.14
CA ALA B 165 2.94 3.51 17.94
C ALA B 165 3.73 2.88 16.81
N PHE B 166 4.97 3.31 16.67
CA PHE B 166 5.90 2.69 15.73
C PHE B 166 6.05 1.19 15.96
N GLU B 167 6.37 0.81 17.20
CA GLU B 167 6.51 -0.61 17.52
C GLU B 167 5.23 -1.40 17.30
N ILE B 168 4.09 -0.86 17.74
CA ILE B 168 2.79 -1.49 17.50
C ILE B 168 2.50 -1.73 16.02
N GLN B 169 2.73 -0.71 15.20
CA GLN B 169 2.46 -0.85 13.76
C GLN B 169 3.38 -1.85 13.07
N HIS B 170 4.53 -2.10 13.68
CA HIS B 170 5.50 -3.02 13.13
C HIS B 170 5.44 -4.40 13.78
N SER B 171 4.58 -4.59 14.79
CA SER B 171 4.42 -5.90 15.43
C SER B 171 4.01 -6.99 14.44
N GLY B 172 4.69 -8.13 14.50
CA GLY B 172 4.50 -9.18 13.49
C GLY B 172 5.75 -9.42 12.67
N LEU B 173 5.83 -10.62 12.09
CA LEU B 173 6.83 -10.93 11.07
C LEU B 173 6.16 -10.79 9.71
N ALA B 174 6.98 -10.57 8.68
CA ALA B 174 6.53 -10.59 7.29
C ALA B 174 5.79 -9.34 6.80
N ASN B 175 5.63 -8.38 7.70
CA ASN B 175 4.58 -7.36 7.57
C ASN B 175 5.16 -5.96 7.45
N GLY B 176 6.12 -5.80 6.56
CA GLY B 176 6.71 -4.50 6.34
C GLY B 176 6.06 -3.85 5.16
N ILE B 177 5.73 -2.57 5.34
CA ILE B 177 5.01 -1.81 4.32
C ILE B 177 5.72 -1.76 2.99
N PHE B 178 7.04 -1.60 3.05
CA PHE B 178 7.82 -1.48 1.83
C PHE B 178 8.08 -2.81 1.19
N MET B 179 8.31 -3.84 2.00
CA MET B 179 8.37 -5.19 1.47
C MET B 179 7.09 -5.58 0.73
N LYS B 180 5.95 -5.31 1.36
CA LYS B 180 4.66 -5.48 0.71
C LYS B 180 4.52 -4.69 -0.59
N PHE B 181 4.87 -3.41 -0.53
CA PHE B 181 4.90 -2.55 -1.72
C PHE B 181 5.74 -3.09 -2.86
N LEU B 182 7.00 -3.44 -2.56
CA LEU B 182 7.90 -3.94 -3.59
C LEU B 182 7.40 -5.23 -4.22
N LYS B 183 6.95 -6.14 -3.37
CA LYS B 183 6.31 -7.37 -3.83
C LYS B 183 5.09 -7.16 -4.72
N ASP B 184 4.26 -6.16 -4.40
CA ASP B 184 3.05 -5.90 -5.19
C ASP B 184 3.33 -5.11 -6.46
N ARG B 185 4.20 -4.12 -6.37
CA ARG B 185 4.30 -3.08 -7.40
C ARG B 185 5.54 -3.21 -8.26
N LEU B 186 6.57 -3.91 -7.79
CA LEU B 186 7.91 -3.82 -8.38
C LEU B 186 8.53 -5.17 -8.69
N LEU B 187 7.75 -6.23 -8.53
CA LEU B 187 8.12 -7.56 -8.96
C LEU B 187 7.23 -7.86 -10.15
N GLU B 188 7.81 -8.27 -11.27
CA GLU B 188 6.96 -8.70 -12.40
C GLU B 188 6.43 -10.12 -12.24
N ASP B 189 7.00 -10.85 -11.28
CA ASP B 189 6.64 -12.24 -11.03
C ASP B 189 7.30 -13.19 -12.02
N LYS B 190 8.41 -12.72 -12.60
CA LYS B 190 9.14 -13.42 -13.64
C LYS B 190 10.34 -14.14 -13.04
N GLY B 204 -5.67 -7.09 6.95
CA GLY B 204 -5.06 -8.34 7.42
C GLY B 204 -3.56 -8.35 7.31
N LYS B 205 -2.88 -8.70 8.41
CA LYS B 205 -1.42 -8.90 8.48
C LYS B 205 -0.62 -7.65 8.76
N CYS B 206 -1.01 -6.56 8.13
CA CYS B 206 -0.52 -5.24 8.51
C CYS B 206 -1.74 -4.37 8.68
N HIS B 207 -2.41 -4.59 9.80
CA HIS B 207 -3.57 -3.81 10.19
C HIS B 207 -3.08 -2.43 10.59
N LEU B 208 -3.83 -1.40 10.21
CA LEU B 208 -3.52 -0.04 10.63
C LEU B 208 -3.84 0.12 12.11
N THR B 209 -2.86 0.60 12.86
CA THR B 209 -2.97 0.72 14.31
C THR B 209 -3.05 2.18 14.73
N LYS B 210 -3.23 2.38 16.03
CA LYS B 210 -3.45 3.70 16.60
C LYS B 210 -2.26 4.63 16.43
N GLY B 211 -2.52 5.91 16.66
CA GLY B 211 -1.50 6.92 16.58
C GLY B 211 -1.64 7.75 15.34
N LYS B 212 -0.68 8.64 15.16
CA LYS B 212 -0.60 9.47 13.98
C LYS B 212 0.45 8.90 13.04
N GLN B 213 0.05 8.66 11.81
CA GLN B 213 0.86 7.95 10.83
C GLN B 213 0.77 8.64 9.48
N ALA B 214 1.83 8.44 8.70
CA ALA B 214 1.89 8.94 7.34
C ALA B 214 2.67 7.98 6.45
N LEU B 215 2.25 7.90 5.21
CA LEU B 215 2.96 7.21 4.15
C LEU B 215 2.93 8.09 2.93
N GLU B 216 4.06 8.15 2.26
CA GLU B 216 4.22 8.86 1.01
C GLU B 216 5.02 7.97 0.07
N ILE B 217 4.46 7.67 -1.08
CA ILE B 217 5.19 6.96 -2.13
C ILE B 217 5.12 7.84 -3.36
N ARG B 218 6.25 8.06 -4.01
CA ARG B 218 6.34 8.84 -5.24
C ARG B 218 7.16 8.05 -6.23
N SER B 219 6.73 8.07 -7.48
CA SER B 219 7.48 7.41 -8.55
C SER B 219 7.60 8.31 -9.76
N SER B 220 8.75 8.24 -10.41
CA SER B 220 8.93 8.80 -11.72
C SER B 220 9.67 7.74 -12.50
N LEU B 221 9.09 7.29 -13.59
CA LEU B 221 9.69 6.25 -14.42
C LEU B 221 9.50 6.64 -15.88
N SER B 222 10.58 6.73 -16.65
CA SER B 222 10.42 6.98 -18.09
C SER B 222 9.96 5.76 -18.89
N GLU B 223 10.15 4.59 -18.33
CA GLU B 223 9.71 3.31 -18.85
C GLU B 223 9.49 2.42 -17.65
N LYS B 224 8.69 1.37 -17.80
CA LYS B 224 8.50 0.37 -16.74
C LYS B 224 9.82 -0.21 -16.23
N ARG B 225 9.96 -0.26 -14.92
CA ARG B 225 11.12 -0.85 -14.26
C ARG B 225 10.59 -1.79 -13.20
N ALA B 226 11.34 -2.84 -12.93
CA ALA B 226 11.01 -3.77 -11.86
C ALA B 226 12.29 -4.26 -11.23
N LEU B 227 12.21 -4.73 -9.99
CA LEU B 227 13.40 -5.28 -9.33
C LEU B 227 13.83 -6.62 -9.94
N THR B 228 12.91 -7.23 -10.68
CA THR B 228 13.10 -8.51 -11.35
C THR B 228 13.77 -8.40 -12.71
N ASP B 229 14.11 -7.19 -13.17
CA ASP B 229 14.72 -7.02 -14.49
C ASP B 229 16.09 -7.69 -14.56
N PRO B 230 16.41 -8.48 -15.58
CA PRO B 230 17.69 -9.19 -15.61
C PRO B 230 18.92 -8.30 -15.69
N ILE B 231 20.02 -8.83 -15.14
CA ILE B 231 21.29 -8.12 -15.18
C ILE B 231 21.91 -8.30 -16.55
N GLN B 232 22.24 -7.18 -17.17
CA GLN B 232 23.05 -7.13 -18.36
C GLN B 232 24.50 -7.29 -17.95
N GLY B 233 25.11 -8.40 -18.34
CA GLY B 233 26.48 -8.66 -17.94
C GLY B 233 27.48 -8.35 -19.03
N THR B 234 27.26 -7.21 -19.68
CA THR B 234 28.13 -6.70 -20.73
C THR B 234 28.43 -5.24 -20.42
N GLU B 235 29.60 -4.79 -20.81
CA GLU B 235 30.05 -3.40 -20.69
C GLU B 235 30.55 -3.09 -19.30
N TYR B 236 31.59 -2.27 -19.23
CA TYR B 236 32.00 -1.68 -17.95
C TYR B 236 32.63 -2.70 -17.02
N SER B 237 33.43 -3.56 -17.61
CA SER B 237 34.04 -4.71 -16.95
C SER B 237 34.80 -4.41 -15.66
N ALA B 238 35.52 -3.30 -15.62
CA ALA B 238 36.25 -2.93 -14.40
C ALA B 238 35.33 -2.44 -13.31
N GLU B 239 34.28 -1.71 -13.69
CA GLU B 239 33.27 -1.27 -12.73
C GLU B 239 32.50 -2.43 -12.13
N SER B 240 32.07 -3.35 -13.00
CA SER B 240 31.52 -4.62 -12.58
C SER B 240 32.44 -5.40 -11.65
N LEU B 241 33.71 -5.56 -12.05
CA LEU B 241 34.72 -6.23 -11.26
C LEU B 241 34.84 -5.68 -9.84
N VAL B 242 35.02 -4.36 -9.77
CA VAL B 242 35.16 -3.68 -8.50
C VAL B 242 33.92 -3.80 -7.63
N ARG B 243 32.72 -3.58 -8.20
CA ARG B 243 31.48 -3.76 -7.44
C ARG B 243 31.36 -5.11 -6.78
N ASN B 244 31.58 -6.15 -7.60
CA ASN B 244 31.55 -7.52 -7.12
C ASN B 244 32.58 -7.83 -6.05
N LEU B 245 33.82 -7.43 -6.31
CA LEU B 245 34.90 -7.67 -5.36
C LEU B 245 34.70 -6.96 -4.05
N GLN B 246 34.37 -5.67 -4.11
CA GLN B 246 34.17 -4.88 -2.90
C GLN B 246 33.06 -5.41 -1.99
N TRP B 247 31.99 -5.82 -2.63
CA TRP B 247 30.90 -6.42 -1.89
C TRP B 247 31.29 -7.74 -1.26
N ALA B 248 31.93 -8.60 -2.05
CA ALA B 248 32.26 -9.92 -1.54
C ALA B 248 33.34 -9.91 -0.46
N LYS B 249 34.25 -8.94 -0.56
CA LYS B 249 35.22 -8.67 0.50
C LYS B 249 34.60 -8.24 1.83
N ALA B 250 33.37 -7.78 1.81
CA ALA B 250 32.66 -7.42 3.04
C ALA B 250 31.79 -8.56 3.58
N HIS B 251 31.84 -9.75 2.97
CA HIS B 251 30.96 -10.85 3.37
C HIS B 251 31.64 -12.19 3.52
N GLU B 252 32.93 -12.17 3.91
CA GLU B 252 33.60 -13.42 4.18
C GLU B 252 33.31 -13.83 5.61
N LEU B 253 32.61 -14.96 5.72
CA LEU B 253 32.31 -15.59 6.99
C LEU B 253 33.36 -16.68 7.22
N PRO B 254 33.83 -16.90 8.46
CA PRO B 254 34.71 -18.03 8.76
C PRO B 254 34.05 -19.38 8.61
N GLU B 255 34.85 -20.37 8.20
CA GLU B 255 34.35 -21.73 8.07
C GLU B 255 34.19 -22.36 9.44
N SER B 256 33.16 -23.20 9.51
CA SER B 256 32.94 -24.09 10.64
C SER B 256 34.16 -24.96 10.90
N MET B 257 34.46 -25.15 12.17
CA MET B 257 35.68 -25.81 12.58
C MET B 257 35.40 -26.78 13.69
N CYS B 258 36.23 -27.80 13.78
CA CYS B 258 36.21 -28.70 14.91
C CYS B 258 37.50 -28.45 15.68
N LEU B 259 37.35 -28.13 16.96
CA LEU B 259 38.48 -27.99 17.87
C LEU B 259 38.62 -29.31 18.61
N LYS B 260 39.80 -29.93 18.54
CA LYS B 260 40.09 -31.14 19.30
C LYS B 260 40.86 -30.71 20.54
N PHE B 261 40.26 -30.96 21.69
CA PHE B 261 40.94 -30.73 22.95
C PHE B 261 41.80 -31.95 23.26
N ASP B 262 42.93 -31.72 23.94
CA ASP B 262 43.91 -32.79 24.20
C ASP B 262 43.38 -34.02 24.93
N CYS B 263 42.29 -33.85 25.67
CA CYS B 263 41.61 -34.99 26.30
C CYS B 263 40.78 -35.83 25.33
N GLY B 264 40.65 -35.39 24.09
CA GLY B 264 39.96 -36.16 23.06
C GLY B 264 38.62 -35.60 22.67
N VAL B 265 38.12 -34.63 23.44
CA VAL B 265 36.81 -34.02 23.19
C VAL B 265 36.88 -33.13 21.95
N GLN B 266 35.84 -33.21 21.14
CA GLN B 266 35.75 -32.43 19.91
C GLN B 266 34.64 -31.40 20.06
N ILE B 267 34.99 -30.13 19.97
CA ILE B 267 34.00 -29.06 19.97
C ILE B 267 33.86 -28.57 18.54
N GLN B 268 32.64 -28.64 18.03
CA GLN B 268 32.26 -27.98 16.80
C GLN B 268 32.03 -26.50 17.08
N LEU B 269 32.49 -25.67 16.16
CA LEU B 269 32.43 -24.23 16.26
C LEU B 269 31.90 -23.73 14.92
N GLY B 270 30.66 -23.26 14.90
CA GLY B 270 30.02 -22.85 13.68
C GLY B 270 29.71 -21.37 13.65
N PHE B 271 29.43 -20.88 12.45
CA PHE B 271 29.32 -19.45 12.17
C PHE B 271 28.12 -19.23 11.26
N ALA B 272 27.39 -18.14 11.50
CA ALA B 272 26.32 -17.71 10.60
C ALA B 272 26.35 -16.19 10.47
N ALA B 273 26.13 -15.68 9.26
CA ALA B 273 25.97 -14.24 9.08
C ALA B 273 24.51 -13.88 9.30
N GLU B 274 24.24 -12.97 10.23
CA GLU B 274 22.88 -12.51 10.43
C GLU B 274 22.64 -11.20 9.68
N PHE B 275 23.60 -10.29 9.80
CA PHE B 275 23.63 -9.04 9.03
C PHE B 275 25.06 -8.91 8.55
N SER B 276 25.37 -7.90 7.74
CA SER B 276 26.77 -7.62 7.37
C SER B 276 27.64 -7.22 8.56
N ASN B 277 27.01 -6.87 9.68
CA ASN B 277 27.70 -6.49 10.90
C ASN B 277 27.31 -7.33 12.10
N VAL B 278 26.61 -8.44 11.87
CA VAL B 278 26.29 -9.37 12.94
C VAL B 278 26.63 -10.79 12.52
N MET B 279 27.37 -11.48 13.37
CA MET B 279 27.69 -12.89 13.19
C MET B 279 27.18 -13.66 14.40
N ILE B 280 26.57 -14.81 14.15
CA ILE B 280 26.34 -15.78 15.23
C ILE B 280 27.52 -16.74 15.25
N ILE B 281 27.99 -17.03 16.46
CA ILE B 281 28.89 -18.14 16.73
C ILE B 281 28.07 -19.19 17.46
N TYR B 282 28.35 -20.45 17.21
CA TYR B 282 27.70 -21.52 17.95
C TYR B 282 28.64 -22.68 18.24
N THR B 283 28.55 -23.24 19.44
CA THR B 283 29.44 -24.34 19.88
C THR B 283 28.64 -25.59 20.23
N SER B 284 29.20 -26.76 19.93
CA SER B 284 28.63 -28.04 20.40
C SER B 284 29.71 -29.06 20.62
N ILE B 285 29.48 -30.01 21.52
CA ILE B 285 30.38 -31.17 21.61
C ILE B 285 29.94 -32.17 20.54
N VAL B 286 30.87 -32.56 19.68
CA VAL B 286 30.55 -33.54 18.64
C VAL B 286 31.19 -34.89 18.88
N TYR B 287 32.16 -34.94 19.79
CA TYR B 287 32.65 -36.23 20.28
C TYR B 287 33.08 -36.06 21.71
N LYS B 288 32.61 -36.96 22.54
CA LYS B 288 33.14 -37.17 23.88
C LYS B 288 33.73 -38.57 23.85
N PRO B 289 35.01 -38.78 24.16
CA PRO B 289 35.57 -40.12 24.25
C PRO B 289 35.09 -40.80 25.53
N PRO B 290 35.15 -42.14 25.61
CA PRO B 290 34.63 -42.88 26.75
C PRO B 290 35.27 -42.60 28.10
N GLU B 291 36.50 -42.09 28.08
CA GLU B 291 37.19 -41.69 29.31
C GLU B 291 36.60 -40.44 29.95
N ILE B 292 35.92 -39.58 29.18
CA ILE B 292 35.23 -38.42 29.76
C ILE B 292 33.78 -38.83 29.97
N ILE B 293 33.26 -38.46 31.13
CA ILE B 293 31.89 -38.79 31.48
C ILE B 293 30.97 -37.63 31.17
N MET B 294 31.40 -36.41 31.48
CA MET B 294 30.61 -35.21 31.26
C MET B 294 31.54 -34.12 30.78
N CYS B 295 31.02 -33.25 29.91
CA CYS B 295 31.77 -32.07 29.49
C CYS B 295 30.81 -30.97 29.10
N ASP B 296 31.31 -29.74 29.13
CA ASP B 296 30.60 -28.59 28.59
C ASP B 296 31.64 -27.66 27.98
N ALA B 297 31.22 -26.91 26.97
CA ALA B 297 32.08 -25.94 26.30
C ALA B 297 31.39 -24.60 26.21
N TYR B 298 32.19 -23.54 26.20
CA TYR B 298 31.70 -22.18 26.13
C TYR B 298 32.75 -21.28 25.49
N VAL B 299 32.33 -20.10 25.07
CA VAL B 299 33.25 -19.09 24.53
C VAL B 299 33.33 -17.90 25.46
N THR B 300 34.51 -17.29 25.47
CA THR B 300 34.81 -16.11 26.26
C THR B 300 35.91 -15.32 25.57
N ASP B 301 36.20 -14.15 26.11
CA ASP B 301 37.42 -13.41 25.78
C ASP B 301 37.31 -12.60 24.50
N PHE B 302 36.09 -12.23 24.13
CA PHE B 302 35.86 -11.45 22.93
C PHE B 302 36.47 -10.05 23.03
N PRO B 303 36.90 -9.43 21.93
CA PRO B 303 37.46 -8.08 21.98
C PRO B 303 36.46 -7.04 22.42
N LEU B 304 36.94 -6.10 23.24
CA LEU B 304 36.08 -5.11 23.88
C LEU B 304 35.40 -4.14 22.92
N ASP B 305 35.96 -4.03 21.71
CA ASP B 305 35.30 -3.43 20.55
C ASP B 305 33.85 -3.84 20.33
N LEU B 306 33.59 -5.13 20.53
CA LEU B 306 32.28 -5.68 20.21
C LEU B 306 31.31 -5.59 21.38
N ASP B 307 31.80 -5.26 22.57
CA ASP B 307 30.96 -4.81 23.69
C ASP B 307 30.28 -5.91 24.50
N ILE B 308 29.76 -6.89 23.76
CA ILE B 308 28.97 -8.03 24.19
C ILE B 308 29.13 -8.57 25.62
N ASP B 309 28.01 -8.60 26.33
CA ASP B 309 27.95 -9.14 27.69
C ASP B 309 28.09 -10.67 27.66
N PRO B 310 28.97 -11.29 28.46
CA PRO B 310 29.06 -12.74 28.52
C PRO B 310 27.85 -13.48 29.08
N LYS B 311 26.94 -12.79 29.77
CA LYS B 311 25.65 -13.38 30.11
C LYS B 311 24.73 -13.55 28.91
N ASP B 312 25.01 -12.82 27.83
CA ASP B 312 24.25 -12.94 26.58
C ASP B 312 25.00 -13.77 25.54
N ALA B 313 26.19 -14.24 25.91
CA ALA B 313 26.86 -15.29 25.17
C ALA B 313 26.43 -16.62 25.75
N ASN B 314 26.64 -17.68 24.98
CA ASN B 314 26.53 -19.04 25.49
C ASN B 314 25.10 -19.46 25.80
N LYS B 315 24.14 -18.92 25.05
CA LYS B 315 22.73 -19.15 25.35
C LYS B 315 22.27 -20.45 24.71
N GLY B 316 21.14 -20.98 25.13
CA GLY B 316 20.76 -22.31 24.67
C GLY B 316 19.83 -22.32 23.47
N THR B 317 19.46 -21.14 23.01
CA THR B 317 18.81 -20.92 21.73
C THR B 317 19.44 -19.68 21.09
N PRO B 318 19.38 -19.52 19.76
CA PRO B 318 19.72 -18.24 19.14
C PRO B 318 18.72 -17.13 19.45
N GLU B 319 17.46 -17.48 19.68
CA GLU B 319 16.45 -16.56 20.19
C GLU B 319 16.87 -15.81 21.44
N GLU B 320 17.46 -16.54 22.38
CA GLU B 320 18.02 -15.95 23.60
C GLU B 320 19.15 -14.95 23.38
N THR B 321 19.82 -15.02 22.24
CA THR B 321 20.91 -14.07 21.96
C THR B 321 20.39 -12.74 21.42
N GLY B 322 19.14 -12.73 20.95
CA GLY B 322 18.59 -11.54 20.32
C GLY B 322 18.48 -11.64 18.81
N SER B 323 18.77 -12.82 18.28
CA SER B 323 18.83 -13.00 16.85
C SER B 323 17.45 -13.00 16.20
N TYR B 324 17.44 -12.67 14.90
CA TYR B 324 16.34 -13.08 14.03
C TYR B 324 16.27 -14.61 13.90
N LEU B 325 17.44 -15.23 13.88
CA LEU B 325 17.52 -16.67 13.62
C LEU B 325 16.87 -17.46 14.74
N VAL B 326 15.94 -18.31 14.36
CA VAL B 326 15.30 -19.22 15.30
C VAL B 326 16.03 -20.55 15.28
N SER B 327 15.60 -21.42 16.20
CA SER B 327 16.21 -22.73 16.36
C SER B 327 16.10 -23.67 15.15
N LYS B 328 15.18 -23.34 14.24
CA LYS B 328 15.05 -24.00 12.94
C LYS B 328 16.20 -23.70 12.00
N ASP B 329 16.76 -22.50 12.10
CA ASP B 329 17.66 -21.98 11.07
C ASP B 329 19.09 -22.49 11.25
N LEU B 330 19.48 -22.65 12.49
CA LEU B 330 20.83 -23.12 12.82
C LEU B 330 20.74 -24.57 13.28
N PRO B 331 21.87 -25.31 13.29
CA PRO B 331 22.03 -26.54 14.08
C PRO B 331 21.43 -26.48 15.48
N LYS B 332 20.75 -27.55 15.86
CA LYS B 332 20.19 -27.63 17.21
C LYS B 332 21.26 -28.16 18.15
N HIS B 333 21.06 -27.91 19.44
CA HIS B 333 21.83 -28.60 20.48
C HIS B 333 23.19 -27.97 20.74
N CYS B 334 23.27 -26.67 20.47
CA CYS B 334 24.50 -25.90 20.62
C CYS B 334 24.30 -24.86 21.71
N LEU B 335 25.37 -24.14 22.01
CA LEU B 335 25.23 -22.83 22.65
C LEU B 335 25.50 -21.76 21.61
N TYR B 336 24.79 -20.64 21.72
CA TYR B 336 24.77 -19.63 20.68
C TYR B 336 25.29 -18.32 21.28
N THR B 337 26.09 -17.61 20.50
CA THR B 337 26.66 -16.32 20.89
C THR B 337 26.47 -15.38 19.71
N ARG B 338 26.03 -14.16 19.97
CA ARG B 338 25.80 -13.20 18.89
C ARG B 338 26.84 -12.10 19.01
N LEU B 339 27.57 -11.85 17.93
CA LEU B 339 28.56 -10.79 17.88
C LEU B 339 28.01 -9.73 16.95
N SER B 340 27.47 -8.68 17.52
CA SER B 340 27.09 -7.51 16.76
C SER B 340 28.20 -6.47 16.80
N SER B 341 28.05 -5.44 15.97
CA SER B 341 28.98 -4.32 16.00
C SER B 341 30.32 -4.59 15.31
N LEU B 342 30.37 -5.56 14.40
CA LEU B 342 31.61 -5.95 13.72
C LEU B 342 32.38 -4.83 13.04
N GLN B 343 31.67 -3.78 12.63
CA GLN B 343 32.31 -2.61 12.04
C GLN B 343 33.21 -1.85 13.01
N LYS B 344 33.04 -2.08 14.31
CA LYS B 344 33.89 -1.46 15.32
C LYS B 344 35.13 -2.28 15.64
N LEU B 345 35.31 -3.46 15.04
CA LEU B 345 36.46 -4.31 15.32
C LEU B 345 37.73 -3.68 14.75
N LYS B 346 38.61 -3.23 15.65
CA LYS B 346 39.83 -2.55 15.22
C LYS B 346 40.96 -3.52 14.90
N GLU B 347 40.88 -4.73 15.44
CA GLU B 347 41.92 -5.76 15.27
C GLU B 347 41.30 -7.06 14.77
N HIS B 348 41.83 -8.19 15.20
CA HIS B 348 41.26 -9.48 14.86
C HIS B 348 40.25 -9.91 15.90
N LEU B 349 39.28 -10.69 15.46
CA LEU B 349 38.37 -11.34 16.38
C LEU B 349 39.08 -12.55 16.94
N VAL B 350 39.62 -12.36 18.13
CA VAL B 350 40.28 -13.41 18.88
C VAL B 350 39.39 -13.71 20.08
N PHE B 351 39.11 -14.98 20.29
CA PHE B 351 38.33 -15.42 21.44
C PHE B 351 38.89 -16.72 21.96
N THR B 352 38.38 -17.16 23.09
CA THR B 352 38.81 -18.39 23.73
C THR B 352 37.61 -19.31 23.70
N VAL B 353 37.83 -20.55 23.27
CA VAL B 353 36.88 -21.62 23.54
C VAL B 353 37.40 -22.33 24.78
N CYS B 354 36.54 -22.45 25.78
CA CYS B 354 36.84 -23.21 26.99
C CYS B 354 36.18 -24.58 26.93
N LEU B 355 36.84 -25.55 27.55
CA LEU B 355 36.26 -26.86 27.81
C LEU B 355 36.35 -27.11 29.31
N SER B 356 35.27 -27.62 29.85
CA SER B 356 35.27 -28.22 31.18
C SER B 356 34.97 -29.70 30.95
N TYR B 357 35.74 -30.58 31.56
CA TYR B 357 35.53 -32.02 31.40
C TYR B 357 35.78 -32.75 32.69
N GLN B 358 34.94 -33.73 32.98
CA GLN B 358 35.22 -34.67 34.04
C GLN B 358 35.60 -35.99 33.42
N TYR B 359 36.72 -36.54 33.91
CA TYR B 359 37.08 -37.92 33.58
C TYR B 359 36.21 -38.89 34.36
N SER B 360 35.91 -40.01 33.71
CA SER B 360 35.30 -41.16 34.38
C SER B 360 36.23 -41.71 35.46
N GLY B 361 35.69 -41.90 36.65
CA GLY B 361 36.48 -42.46 37.74
C GLY B 361 37.09 -41.42 38.66
N LEU B 362 37.07 -40.18 38.20
CA LEU B 362 37.67 -39.05 38.90
C LEU B 362 36.54 -38.17 39.39
N GLU B 363 36.78 -37.54 40.53
CA GLU B 363 35.92 -36.43 40.95
C GLU B 363 36.32 -35.13 40.27
N ASP B 364 37.50 -35.12 39.66
CA ASP B 364 38.09 -33.91 39.12
C ASP B 364 37.44 -33.42 37.84
N THR B 365 36.95 -32.18 37.88
CA THR B 365 36.71 -31.44 36.65
C THR B 365 38.01 -30.77 36.23
N VAL B 366 38.51 -31.18 35.08
CA VAL B 366 39.62 -30.50 34.45
C VAL B 366 39.05 -29.38 33.59
N GLU B 367 39.86 -28.33 33.45
CA GLU B 367 39.57 -27.26 32.51
C GLU B 367 40.64 -27.28 31.44
N ASP B 368 40.24 -26.82 30.27
CA ASP B 368 41.14 -26.55 29.16
C ASP B 368 40.61 -25.36 28.39
N LYS B 369 41.50 -24.71 27.65
CA LYS B 369 41.11 -23.55 26.86
C LYS B 369 41.95 -23.54 25.59
N GLN B 370 41.31 -23.17 24.49
CA GLN B 370 41.98 -22.99 23.20
C GLN B 370 41.61 -21.61 22.71
N GLU B 371 42.60 -20.86 22.23
CA GLU B 371 42.34 -19.59 21.58
C GLU B 371 41.98 -19.83 20.11
N VAL B 372 41.10 -18.98 19.59
CA VAL B 372 40.72 -18.98 18.19
C VAL B 372 40.95 -17.57 17.66
N ASN B 373 41.42 -17.46 16.43
CA ASN B 373 41.41 -16.21 15.67
C ASN B 373 40.61 -16.46 14.40
N VAL B 374 39.61 -15.63 14.12
CA VAL B 374 38.86 -15.72 12.86
C VAL B 374 39.05 -14.50 11.97
N GLY B 375 40.02 -13.65 12.27
CA GLY B 375 40.33 -12.57 11.37
C GLY B 375 39.41 -11.39 11.58
N LYS B 376 38.98 -10.80 10.48
CA LYS B 376 37.99 -9.73 10.49
C LYS B 376 36.79 -10.26 9.72
N PRO B 377 35.75 -10.82 10.37
CA PRO B 377 34.59 -11.34 9.65
C PRO B 377 33.68 -10.22 9.13
N LEU B 378 33.13 -10.43 7.94
CA LEU B 378 32.06 -9.57 7.44
C LEU B 378 32.55 -8.14 7.18
N ILE B 379 31.77 -7.12 7.55
CA ILE B 379 32.14 -5.73 7.26
C ILE B 379 33.44 -5.27 7.93
N ALA B 380 33.85 -5.99 8.98
CA ALA B 380 35.11 -5.72 9.65
C ALA B 380 36.33 -5.74 8.74
N LYS B 381 36.26 -6.56 7.68
CA LYS B 381 37.31 -6.65 6.68
C LYS B 381 37.56 -5.37 5.88
N LEU B 382 36.63 -4.41 5.93
CA LEU B 382 36.90 -3.10 5.35
C LEU B 382 37.91 -2.30 6.18
N ASP B 383 37.93 -2.54 7.49
CA ASP B 383 38.99 -2.03 8.35
C ASP B 383 38.84 -0.58 8.75
N MET B 384 37.59 -0.11 8.77
CA MET B 384 37.33 1.31 8.93
C MET B 384 37.35 1.78 10.39
N HIS B 385 37.37 0.84 11.32
CA HIS B 385 37.67 1.10 12.73
C HIS B 385 36.48 1.55 13.55
CA CA C . -19.99 27.65 -8.52
CA CA D . 0.06 22.67 -8.09
CA CA E . -9.09 -0.65 -12.40
CA CA F . -48.08 -3.37 -42.18
CA CA G . -38.96 17.87 -10.73
C1 PGE H . -32.50 -5.56 -3.85
O1 PGE H . -33.60 -6.39 -3.51
C2 PGE H . -32.90 -4.56 -4.93
O2 PGE H . -31.89 -3.59 -5.08
C3 PGE H . -32.35 -2.36 -5.62
C4 PGE H . -31.16 -1.50 -6.05
O4 PGE H . -28.06 -0.09 -3.41
C6 PGE H . -28.32 -1.46 -3.67
C5 PGE H . -29.01 -1.60 -5.04
O3 PGE H . -30.36 -1.17 -4.92
H1 PGE H . -32.17 -5.03 -2.95
H12 PGE H . -31.67 -6.17 -4.19
HO1 PGE H . -34.30 -5.82 -3.22
H2 PGE H . -33.04 -5.07 -5.88
H22 PGE H . -33.86 -4.09 -4.68
H3 PGE H . -32.99 -2.56 -6.48
H32 PGE H . -32.96 -1.85 -4.87
H4 PGE H . -30.60 -2.02 -6.83
H42 PGE H . -31.52 -0.57 -6.50
HO4 PGE H . -28.90 0.36 -3.41
H6 PGE H . -28.94 -1.88 -2.87
H62 PGE H . -27.38 -2.00 -3.67
H5 PGE H . -28.98 -2.65 -5.33
H52 PGE H . -28.47 -1.04 -5.82
N1 A1BMX I . -27.37 11.13 -0.92
N3 A1BMX I . -29.16 15.26 -4.77
C4 A1BMX I . -28.73 11.02 -0.34
C5 A1BMX I . -27.12 11.76 -2.10
C6 A1BMX I . -28.19 13.35 -3.65
C7 A1BMX I . -29.02 14.47 -3.69
C8 A1BMX I . -28.55 14.89 -5.92
C10 A1BMX I . -29.34 17.28 -8.24
C13 A1BMX I . -26.48 10.31 -0.30
C15 A1BMX I . -25.87 6.98 2.38
C17 A1BMX I . -25.06 8.49 1.07
C1 A1BMX I . -29.34 8.52 0.01
C2 A1BMX I . -28.58 9.71 0.64
C3 A1BMX I . -29.13 10.06 2.03
O1 A1BMX I . -26.10 11.60 -2.77
N2 A1BMX I . -28.10 12.61 -2.43
N4 A1BMX I . -28.81 15.66 -7.09
N5 A1BMX I . -29.02 15.09 -8.32
C9 A1BMX I . -29.37 16.12 -9.00
N6 A1BMX I . -28.99 17.03 -7.01
C11 A1BMX I . -27.67 13.76 -5.98
CL1 A1BMX I . -26.82 13.34 -7.43
C12 A1BMX I . -27.48 12.98 -4.82
C14 A1BMX I . -27.07 9.53 0.54
N7 A1BMX I . -26.41 8.58 1.24
N8 A1BMX I . -26.99 7.66 2.07
CL2 A1BMX I . -25.95 5.62 3.39
C16 A1BMX I . -24.64 7.46 1.80
N9 A1BMX I . -24.39 9.36 0.23
C18 A1BMX I . -25.12 10.22 -0.47
H41 A1BMX I . -28.95 11.90 0.26
H42 A1BMX I . -29.50 10.86 -1.08
HC7 A1BMX I . -29.57 14.77 -2.82
HC10 A1BMX I . -29.57 18.28 -8.55
H12 A1BMX I . -29.13 7.60 0.54
H11 A1BMX I . -29.05 8.37 -1.03
H13 A1BMX I . -30.42 8.68 0.03
H33 A1BMX I . -29.06 9.21 2.72
H32 A1BMX I . -30.19 10.33 1.98
H31 A1BMX I . -28.59 10.90 2.48
HN2 A1BMX I . -28.84 12.76 -1.75
HC9 A1BMX I . -29.64 16.03 -10.05
HC12 A1BMX I . -26.83 12.12 -4.84
HC16 A1BMX I . -23.65 7.07 1.92
HC18 A1BMX I . -24.59 10.88 -1.15
CA CA J . -5.27 26.02 3.11
CA CA K . 31.94 4.01 -9.38
CA CA L . 28.96 15.78 12.29
CA CA M . 10.34 19.24 13.70
CA CA N . 7.54 -6.23 11.29
CA CA O . 40.31 -29.08 39.18
N1 A1BMX P . 29.72 -0.44 1.87
N3 A1BMX P . 32.67 1.90 6.45
C4 A1BMX P . 30.97 -0.93 1.22
C5 A1BMX P . 29.67 0.01 3.14
C6 A1BMX P . 31.15 0.78 4.95
C7 A1BMX P . 32.31 1.51 5.22
C8 A1BMX P . 31.93 1.51 7.50
C10 A1BMX P . 33.56 2.76 10.26
C13 A1BMX P . 28.63 -0.79 1.14
C15 A1BMX P . 26.92 -3.17 -2.05
C17 A1BMX P . 26.69 -1.71 -0.47
C1 A1BMX P . 30.63 -3.40 0.59
C2 A1BMX P . 30.38 -1.97 0.09
C3 A1BMX P . 31.04 -1.69 -1.28
O1 A1BMX P . 28.62 0.08 3.80
N2 A1BMX P . 30.87 0.40 3.60
N4 A1BMX P . 32.42 1.83 8.80
N5 A1BMX P . 32.33 0.95 9.87
C9 A1BMX P . 33.08 1.56 10.74
N6 A1BMX P . 33.17 2.98 9.04
C11 A1BMX P . 30.70 0.78 7.34
CL1 A1BMX P . 29.70 0.34 8.69
C12 A1BMX P . 30.31 0.42 6.04
C14 A1BMX P . 28.90 -1.59 0.19
N7 A1BMX P . 27.97 -2.13 -0.64
N8 A1BMX P . 28.19 -3.04 -1.62
CL2 A1BMX P . 26.53 -4.23 -3.32
C16 A1BMX P . 25.95 -2.36 -1.38
N9 A1BMX P . 26.34 -0.79 0.50
C18 A1BMX P . 27.32 -0.37 1.32
H41 A1BMX P . 31.48 -0.09 0.74
H42 A1BMX P . 31.68 -1.41 1.90
HC7 A1BMX P . 32.98 1.77 4.42
HC10 A1BMX P . 34.19 3.46 10.77
H12 A1BMX P . 30.04 -4.10 0.02
H11 A1BMX P . 30.34 -3.51 1.64
H13 A1BMX P . 31.68 -3.68 0.50
H33 A1BMX P . 30.70 -2.38 -2.04
H32 A1BMX P . 32.12 -1.79 -1.19
H31 A1BMX P . 30.83 -0.67 -1.60
HN2 A1BMX P . 31.64 0.43 2.94
HC9 A1BMX P . 33.24 1.11 11.72
HC12 A1BMX P . 29.40 -0.14 5.89
HC16 A1BMX P . 24.89 -2.31 -1.55
HC18 A1BMX P . 27.04 0.33 2.09
#